data_5ERL
#
_entry.id   5ERL
#
_cell.length_a   71.324
_cell.length_b   117.784
_cell.length_c   160.964
_cell.angle_alpha   90.00
_cell.angle_beta   90.00
_cell.angle_gamma   90.00
#
_symmetry.space_group_name_H-M   'P 21 21 21'
#
loop_
_entity.id
_entity.type
_entity.pdbx_description
1 polymer SnoN,SnoN
2 non-polymer 'NICKEL (II) ION'
3 non-polymer 'SUCCINIC ACID'
4 non-polymer 'Nogalamycin RO'
5 water water
#
_entity_poly.entity_id   1
_entity_poly.type   'polypeptide(L)'
_entity_poly.pdbx_seq_one_letter_code
;MAHHHHHHHRSADQETEPGVPADLPAESDPAALERLAARYRRDGYVHVPGVLDAGEVAEYLAEARRLLAHEESVRWGSGA
GTVMDYVADAQLGSDTMRRLATHPRIAALAEYLAGSPLRLFKLEVLLKENKEKDASVPTAPHHDAFAFPFSTAGTALTAW
VALVDVPVERGCMTFVPGSHLLPDPDTGDEPWAGAFTRPGEIWMPRVTVPLRAGDCTFHHARTVHSAGANSTDEPRLSTS
AVYMDATAAYRPTGIAFLDDLPGTGADPLREGAPLTGDRFPLLRRPQTRQPAPARYPLPQQGHGS
;
_entity_poly.pdbx_strand_id   A,B,C,D
#
# COMPACT_ATOMS: atom_id res chain seq x y z
N ASP A 29 21.23 -2.15 -1.78
CA ASP A 29 20.51 -3.47 -1.90
C ASP A 29 19.60 -3.53 -3.17
N PRO A 30 19.88 -4.46 -4.12
CA PRO A 30 19.09 -4.53 -5.35
C PRO A 30 17.61 -4.79 -5.14
N ALA A 31 17.30 -5.87 -4.43
CA ALA A 31 15.89 -6.31 -4.17
C ALA A 31 15.02 -5.25 -3.50
N ALA A 32 15.63 -4.51 -2.58
CA ALA A 32 14.99 -3.40 -1.85
C ALA A 32 14.66 -2.20 -2.75
N LEU A 33 15.67 -1.79 -3.48
CA LEU A 33 15.54 -0.76 -4.53
C LEU A 33 14.40 -1.09 -5.52
N GLU A 34 14.23 -2.34 -5.86
CA GLU A 34 13.12 -2.77 -6.76
C GLU A 34 11.72 -2.61 -6.12
N ARG A 35 11.61 -2.96 -4.83
CA ARG A 35 10.38 -2.73 -4.01
C ARG A 35 10.00 -1.27 -3.99
N LEU A 36 11.00 -0.45 -3.95
CA LEU A 36 10.80 0.97 -4.02
C LEU A 36 10.24 1.48 -5.36
N ALA A 37 10.74 0.98 -6.45
CA ALA A 37 10.22 1.35 -7.75
C ALA A 37 8.83 0.82 -8.01
N ALA A 38 8.53 -0.34 -7.46
CA ALA A 38 7.19 -0.87 -7.46
C ALA A 38 6.26 0.11 -6.78
N ARG A 39 6.61 0.54 -5.58
CA ARG A 39 5.80 1.52 -4.84
C ARG A 39 5.60 2.79 -5.67
N TYR A 40 6.67 3.33 -6.25
CA TYR A 40 6.60 4.51 -7.12
C TYR A 40 5.67 4.30 -8.29
N ARG A 41 5.74 3.16 -8.94
CA ARG A 41 4.89 2.92 -10.12
C ARG A 41 3.43 2.76 -9.69
N ARG A 42 3.21 2.14 -8.55
CA ARG A 42 1.83 1.89 -8.09
C ARG A 42 1.20 3.22 -7.70
N ASP A 43 1.89 3.97 -6.87
CA ASP A 43 1.39 5.19 -6.22
C ASP A 43 1.74 6.53 -6.87
N GLY A 44 2.78 6.56 -7.66
CA GLY A 44 3.27 7.83 -8.25
C GLY A 44 4.01 8.74 -7.29
N TYR A 45 4.30 8.23 -6.11
CA TYR A 45 5.25 8.88 -5.20
C TYR A 45 5.85 7.81 -4.32
N VAL A 46 6.95 8.18 -3.72
CA VAL A 46 7.60 7.29 -2.76
C VAL A 46 8.39 8.09 -1.78
N HIS A 47 8.42 7.61 -0.56
CA HIS A 47 9.13 8.32 0.57
C HIS A 47 10.34 7.57 0.87
N VAL A 48 11.45 8.26 0.84
CA VAL A 48 12.79 7.62 1.19
C VAL A 48 13.41 8.26 2.41
N PRO A 49 13.42 7.52 3.50
CA PRO A 49 14.12 8.07 4.67
C PRO A 49 15.65 8.13 4.61
N GLY A 50 16.11 9.21 5.18
CA GLY A 50 17.50 9.44 5.48
C GLY A 50 18.39 9.43 4.26
N VAL A 51 17.99 10.17 3.28
CA VAL A 51 18.68 10.14 2.01
C VAL A 51 19.94 10.97 2.11
N LEU A 52 19.87 11.90 3.04
CA LEU A 52 21.04 12.63 3.51
C LEU A 52 21.38 12.34 4.95
N ASP A 53 22.67 12.23 5.18
CA ASP A 53 23.24 12.05 6.53
C ASP A 53 23.17 13.38 7.28
N ALA A 54 23.39 13.31 8.56
CA ALA A 54 23.06 14.45 9.45
C ALA A 54 23.80 15.75 9.12
N GLY A 55 25.08 15.60 8.85
CA GLY A 55 25.97 16.66 8.49
C GLY A 55 25.62 17.23 7.12
N GLU A 56 25.33 16.38 6.17
CA GLU A 56 24.84 16.86 4.89
C GLU A 56 23.58 17.80 5.05
N VAL A 57 22.68 17.45 5.97
CA VAL A 57 21.54 18.29 6.27
C VAL A 57 21.97 19.65 6.74
N ALA A 58 22.80 19.64 7.75
CA ALA A 58 23.30 20.90 8.32
C ALA A 58 23.97 21.78 7.26
N GLU A 59 24.70 21.13 6.32
CA GLU A 59 25.46 21.78 5.23
C GLU A 59 24.48 22.47 4.28
N TYR A 60 23.51 21.73 3.88
CA TYR A 60 22.55 22.24 2.86
C TYR A 60 21.54 23.21 3.45
N LEU A 61 21.21 22.96 4.72
CA LEU A 61 20.35 23.86 5.51
C LEU A 61 20.96 25.23 5.65
N ALA A 62 22.23 25.26 5.94
CA ALA A 62 22.94 26.54 6.18
C ALA A 62 23.04 27.41 4.93
N GLU A 63 23.17 26.71 3.81
CA GLU A 63 23.27 27.31 2.48
C GLU A 63 21.94 27.79 1.96
N ALA A 64 20.92 26.96 2.13
CA ALA A 64 19.49 27.41 1.89
C ALA A 64 19.16 28.75 2.58
N ARG A 65 19.56 28.84 3.85
CA ARG A 65 19.28 30.01 4.66
C ARG A 65 19.95 31.22 4.11
N ARG A 66 21.15 30.99 3.64
CA ARG A 66 22.03 32.05 3.23
C ARG A 66 21.44 32.63 1.93
N LEU A 67 21.03 31.72 1.05
CA LEU A 67 20.41 32.09 -0.21
C LEU A 67 19.09 32.87 0.01
N LEU A 68 18.27 32.39 0.92
CA LEU A 68 17.04 33.08 1.30
C LEU A 68 17.21 34.46 1.92
N ALA A 69 18.38 34.78 2.42
CA ALA A 69 18.62 36.12 3.00
C ALA A 69 19.33 37.06 2.04
N HIS A 70 20.15 36.50 1.15
CA HIS A 70 21.10 37.24 0.26
C HIS A 70 20.56 37.40 -1.13
N GLU A 71 20.14 36.29 -1.70
CA GLU A 71 19.57 36.28 -3.09
C GLU A 71 18.17 36.89 -3.07
N GLU A 72 17.64 37.01 -4.27
CA GLU A 72 16.27 37.48 -4.48
C GLU A 72 15.36 36.27 -4.51
N SER A 73 14.30 36.33 -3.73
CA SER A 73 13.29 35.25 -3.77
C SER A 73 12.03 35.67 -4.51
N VAL A 74 11.26 34.67 -4.86
CA VAL A 74 10.06 34.83 -5.61
C VAL A 74 8.93 34.43 -4.68
N ARG A 75 7.92 35.29 -4.64
CA ARG A 75 6.70 35.04 -3.85
C ARG A 75 5.69 34.36 -4.74
N TRP A 76 5.38 33.14 -4.40
CA TRP A 76 4.30 32.42 -4.99
C TRP A 76 3.20 32.67 -4.02
N GLY A 77 2.17 33.40 -4.44
CA GLY A 77 1.28 34.02 -3.47
C GLY A 77 -0.01 34.60 -3.98
N SER A 78 -0.90 34.98 -3.07
CA SER A 78 -2.22 35.51 -3.43
C SER A 78 -2.76 36.41 -2.37
N GLY A 79 -3.97 36.91 -2.55
CA GLY A 79 -4.55 37.83 -1.55
C GLY A 79 -5.01 37.19 -0.23
N ALA A 80 -5.11 35.87 -0.26
CA ALA A 80 -5.16 34.97 0.91
C ALA A 80 -3.88 34.97 1.76
N GLY A 81 -2.77 34.98 1.04
CA GLY A 81 -1.44 35.06 1.64
C GLY A 81 -0.34 34.35 0.85
N THR A 82 0.82 34.17 1.52
CA THR A 82 1.99 33.54 0.91
C THR A 82 1.87 32.04 0.93
N VAL A 83 1.93 31.45 -0.25
CA VAL A 83 1.99 29.99 -0.43
C VAL A 83 3.39 29.57 -0.04
N MET A 84 4.34 30.22 -0.67
CA MET A 84 5.77 30.06 -0.30
C MET A 84 6.62 31.16 -0.92
N ASP A 85 7.82 31.33 -0.34
CA ASP A 85 8.89 32.14 -0.98
C ASP A 85 9.86 31.11 -1.45
N TYR A 86 10.41 31.31 -2.61
CA TYR A 86 11.43 30.42 -3.10
C TYR A 86 12.48 31.08 -3.94
N VAL A 87 13.62 30.39 -4.01
CA VAL A 87 14.82 30.84 -4.79
C VAL A 87 14.88 30.02 -6.03
N ALA A 88 14.68 30.69 -7.13
CA ALA A 88 14.57 29.99 -8.40
C ALA A 88 15.94 29.66 -8.92
N ASP A 89 16.07 28.49 -9.53
CA ASP A 89 17.25 28.09 -10.26
C ASP A 89 18.53 28.26 -9.41
N ALA A 90 18.39 27.73 -8.23
CA ALA A 90 19.28 28.05 -7.15
C ALA A 90 20.70 27.44 -7.39
N GLN A 91 20.70 26.29 -8.08
CA GLN A 91 21.92 25.61 -8.54
C GLN A 91 22.84 26.45 -9.43
N LEU A 92 22.33 27.50 -10.04
CA LEU A 92 23.15 28.37 -10.89
C LEU A 92 24.00 29.28 -10.10
N GLY A 93 23.45 29.83 -9.03
CA GLY A 93 24.22 30.78 -8.18
C GLY A 93 25.19 30.14 -7.18
N SER A 94 25.04 28.83 -6.98
CA SER A 94 25.54 28.12 -5.82
C SER A 94 25.97 26.68 -6.10
N ASP A 95 27.28 26.46 -6.10
CA ASP A 95 27.89 25.13 -6.34
C ASP A 95 27.30 24.12 -5.37
N THR A 96 27.01 24.60 -4.17
CA THR A 96 26.59 23.78 -3.03
C THR A 96 25.26 23.13 -3.34
N MET A 97 24.35 23.99 -3.75
CA MET A 97 23.04 23.54 -4.25
C MET A 97 23.13 22.69 -5.52
N ARG A 98 24.04 22.99 -6.42
CA ARG A 98 24.28 22.09 -7.56
C ARG A 98 24.69 20.67 -7.15
N ARG A 99 25.45 20.54 -6.04
CA ARG A 99 25.89 19.23 -5.54
C ARG A 99 24.71 18.49 -5.00
N LEU A 100 23.80 19.21 -4.35
CA LEU A 100 22.61 18.58 -3.81
C LEU A 100 21.69 18.11 -4.94
N ALA A 101 21.51 18.96 -5.94
CA ALA A 101 20.73 18.64 -7.15
C ALA A 101 21.25 17.42 -7.86
N THR A 102 22.55 17.23 -7.80
CA THR A 102 23.22 16.11 -8.45
C THR A 102 23.83 15.06 -7.44
N HIS A 103 23.32 15.08 -6.22
CA HIS A 103 23.82 14.26 -5.14
C HIS A 103 23.79 12.82 -5.64
N PRO A 104 24.89 12.10 -5.48
CA PRO A 104 24.93 10.75 -6.05
C PRO A 104 23.79 9.80 -5.71
N ARG A 105 23.33 9.86 -4.48
CA ARG A 105 22.30 8.96 -4.03
C ARG A 105 20.92 9.34 -4.51
N ILE A 106 20.60 10.61 -4.41
CA ILE A 106 19.34 11.14 -4.92
C ILE A 106 19.20 10.89 -6.41
N ALA A 107 20.28 11.17 -7.12
CA ALA A 107 20.43 10.89 -8.57
C ALA A 107 20.24 9.44 -8.95
N ALA A 108 20.84 8.56 -8.22
CA ALA A 108 20.76 7.10 -8.53
C ALA A 108 19.32 6.62 -8.38
N LEU A 109 18.68 7.05 -7.30
CA LEU A 109 17.29 6.74 -7.04
C LEU A 109 16.41 7.33 -8.12
N ALA A 110 16.63 8.60 -8.41
CA ALA A 110 15.88 9.25 -9.48
C ALA A 110 15.93 8.45 -10.82
N GLU A 111 17.13 8.10 -11.27
CA GLU A 111 17.27 7.33 -12.52
C GLU A 111 16.64 5.96 -12.46
N TYR A 112 16.71 5.31 -11.32
CA TYR A 112 16.17 3.95 -11.20
C TYR A 112 14.64 4.04 -11.32
N LEU A 113 14.04 4.90 -10.54
CA LEU A 113 12.60 5.05 -10.54
C LEU A 113 12.05 5.50 -11.89
N ALA A 114 12.75 6.42 -12.50
CA ALA A 114 12.30 6.99 -13.76
C ALA A 114 12.42 5.99 -14.85
N GLY A 115 13.32 5.05 -14.69
CA GLY A 115 13.53 4.00 -15.69
C GLY A 115 14.45 4.34 -16.84
N SER A 116 14.88 5.61 -16.96
CA SER A 116 15.83 6.03 -18.04
C SER A 116 16.86 7.04 -17.54
N PRO A 117 17.86 7.36 -18.35
CA PRO A 117 18.82 8.38 -17.96
C PRO A 117 18.20 9.75 -17.83
N LEU A 118 18.61 10.50 -16.83
CA LEU A 118 18.08 11.82 -16.59
C LEU A 118 19.07 12.99 -16.60
N ARG A 119 18.45 14.15 -16.65
CA ARG A 119 19.12 15.44 -16.47
C ARG A 119 18.37 16.29 -15.46
N LEU A 120 19.11 17.19 -14.86
CA LEU A 120 18.53 18.16 -13.97
C LEU A 120 17.98 19.32 -14.81
N PHE A 121 16.77 19.72 -14.48
CA PHE A 121 16.14 20.86 -15.08
C PHE A 121 16.29 22.05 -14.19
N LYS A 122 15.79 21.91 -12.99
CA LYS A 122 15.91 23.00 -12.01
C LYS A 122 15.94 22.51 -10.56
N LEU A 123 16.52 23.33 -9.68
CA LEU A 123 16.45 23.12 -8.24
C LEU A 123 16.05 24.42 -7.61
N GLU A 124 15.12 24.31 -6.66
CA GLU A 124 14.54 25.48 -6.02
C GLU A 124 14.64 25.36 -4.54
N VAL A 125 14.88 26.46 -3.89
CA VAL A 125 14.95 26.41 -2.45
C VAL A 125 13.69 26.95 -1.92
N LEU A 126 13.00 26.18 -1.10
CA LEU A 126 11.60 26.50 -0.67
C LEU A 126 11.36 26.91 0.80
N LEU A 127 10.47 27.89 0.99
CA LEU A 127 10.23 28.49 2.30
C LEU A 127 8.76 28.75 2.60
N LYS A 128 8.17 28.00 3.50
CA LYS A 128 6.95 28.37 4.11
C LYS A 128 7.21 28.85 5.49
N GLU A 129 6.83 30.08 5.76
CA GLU A 129 6.82 30.61 7.11
C GLU A 129 5.71 31.64 7.38
N ASN A 130 5.53 31.93 8.66
CA ASN A 130 4.63 32.94 9.13
C ASN A 130 5.36 34.23 9.46
N LYS A 131 5.04 35.30 8.73
CA LYS A 131 5.41 36.70 9.05
C LYS A 131 4.23 37.42 9.68
N GLU A 132 4.47 38.65 10.12
CA GLU A 132 3.46 39.37 10.91
C GLU A 132 2.19 39.77 10.10
N LYS A 133 2.38 40.40 8.97
CA LYS A 133 1.22 40.73 8.09
C LYS A 133 0.77 39.50 7.33
N ASP A 134 1.76 38.70 6.99
CA ASP A 134 1.67 37.63 5.99
C ASP A 134 1.76 36.23 6.62
N ALA A 135 0.58 35.73 6.98
CA ALA A 135 0.44 34.34 7.44
C ALA A 135 0.69 33.38 6.30
N SER A 136 1.22 32.21 6.67
CA SER A 136 1.43 31.11 5.72
C SER A 136 0.12 30.41 5.36
N VAL A 137 -0.06 30.16 4.08
CA VAL A 137 -1.24 29.43 3.59
C VAL A 137 -0.81 28.12 2.91
N PRO A 138 -1.78 27.21 2.63
CA PRO A 138 -1.43 25.92 2.07
C PRO A 138 -1.03 26.03 0.62
N THR A 139 -0.41 24.97 0.12
CA THR A 139 -0.15 24.78 -1.31
C THR A 139 -1.34 23.99 -1.84
N ALA A 140 -2.07 24.58 -2.75
CA ALA A 140 -3.31 23.94 -3.17
C ALA A 140 -3.01 22.74 -4.05
N PRO A 141 -3.95 21.80 -4.16
CA PRO A 141 -3.65 20.67 -4.97
C PRO A 141 -3.42 21.06 -6.41
N HIS A 142 -2.50 20.37 -7.04
CA HIS A 142 -2.07 20.74 -8.36
C HIS A 142 -1.36 19.57 -9.00
N HIS A 143 -0.94 19.83 -10.22
CA HIS A 143 -0.60 18.82 -11.24
C HIS A 143 0.59 19.44 -11.95
N ASP A 144 1.77 19.14 -11.48
CA ASP A 144 2.99 19.86 -11.96
C ASP A 144 3.35 19.70 -13.44
N ALA A 145 2.83 18.63 -14.00
CA ALA A 145 3.29 18.11 -15.27
C ALA A 145 3.42 18.99 -16.47
N PHE A 146 2.40 19.64 -16.92
CA PHE A 146 2.63 20.41 -18.22
C PHE A 146 3.04 21.88 -17.98
N ALA A 147 3.28 22.18 -16.70
CA ALA A 147 3.92 23.44 -16.27
C ALA A 147 5.45 23.41 -16.37
N PHE A 148 5.97 22.30 -16.84
CA PHE A 148 7.41 22.17 -17.12
C PHE A 148 7.61 22.42 -18.59
N PRO A 149 8.45 23.35 -18.97
CA PRO A 149 8.58 23.70 -20.36
C PRO A 149 9.50 22.83 -21.18
N PHE A 150 9.24 21.54 -21.17
CA PHE A 150 10.04 20.59 -21.96
C PHE A 150 9.18 19.44 -22.50
N SER A 151 9.67 18.84 -23.58
CA SER A 151 8.97 17.81 -24.32
C SER A 151 8.49 16.66 -23.44
N THR A 152 9.31 16.22 -22.50
CA THR A 152 8.98 15.05 -21.69
C THR A 152 8.34 15.33 -20.32
N ALA A 153 7.83 16.52 -20.16
CA ALA A 153 7.11 16.92 -18.97
C ALA A 153 6.17 15.90 -18.38
N GLY A 154 5.44 15.20 -19.24
CA GLY A 154 4.51 14.14 -18.80
C GLY A 154 5.10 13.09 -17.85
N THR A 155 6.43 12.81 -18.00
CA THR A 155 7.12 11.73 -17.22
C THR A 155 8.26 12.20 -16.35
N ALA A 156 8.31 13.51 -16.16
CA ALA A 156 9.27 14.12 -15.31
C ALA A 156 9.12 13.63 -13.90
N LEU A 157 10.19 13.79 -13.11
CA LEU A 157 10.06 13.53 -11.66
C LEU A 157 10.82 14.50 -10.77
N THR A 158 10.21 14.74 -9.62
CA THR A 158 10.57 15.78 -8.72
C THR A 158 11.01 15.14 -7.40
N ALA A 159 12.17 15.58 -6.90
CA ALA A 159 12.66 15.21 -5.61
C ALA A 159 12.51 16.35 -4.69
N TRP A 160 11.92 16.06 -3.54
CA TRP A 160 11.68 17.07 -2.51
C TRP A 160 12.37 16.65 -1.21
N VAL A 161 13.30 17.47 -0.76
CA VAL A 161 14.19 17.08 0.28
C VAL A 161 13.90 17.98 1.43
N ALA A 162 13.61 17.37 2.55
CA ALA A 162 13.46 18.13 3.80
C ALA A 162 14.88 18.45 4.45
N LEU A 163 15.08 19.74 4.71
CA LEU A 163 16.18 20.23 5.41
C LEU A 163 15.97 20.52 6.92
N VAL A 164 14.70 20.46 7.31
CA VAL A 164 14.29 20.48 8.68
C VAL A 164 13.20 19.48 8.91
N ASP A 165 12.95 19.14 10.17
CA ASP A 165 11.76 18.30 10.48
C ASP A 165 10.52 19.02 9.88
N VAL A 166 9.70 18.24 9.22
CA VAL A 166 8.43 18.72 8.66
C VAL A 166 7.24 17.84 9.08
N PRO A 167 6.77 18.02 10.31
CA PRO A 167 5.58 17.32 10.63
C PRO A 167 4.37 17.96 9.96
N VAL A 168 3.24 17.31 10.15
CA VAL A 168 2.01 17.71 9.45
C VAL A 168 1.76 19.25 9.60
N GLU A 169 1.84 19.72 10.83
CA GLU A 169 1.50 21.10 11.18
C GLU A 169 2.45 22.14 10.61
N ARG A 170 3.55 21.68 10.07
CA ARG A 170 4.58 22.58 9.52
C ARG A 170 4.56 22.62 8.03
N GLY A 171 3.67 21.85 7.45
CA GLY A 171 3.34 21.99 6.03
C GLY A 171 3.92 20.89 5.14
N CYS A 172 3.87 19.64 5.63
CA CYS A 172 4.28 18.53 4.76
C CYS A 172 3.28 18.31 3.60
N MET A 173 3.67 17.46 2.67
CA MET A 173 2.86 17.25 1.50
C MET A 173 1.80 16.22 1.70
N THR A 174 0.85 16.22 0.79
CA THR A 174 -0.20 15.18 0.70
C THR A 174 -0.30 14.75 -0.74
N PHE A 175 -0.31 13.45 -1.02
CA PHE A 175 -0.29 12.95 -2.36
C PHE A 175 -1.52 12.11 -2.56
N VAL A 176 -2.01 12.05 -3.78
CA VAL A 176 -3.05 11.12 -4.15
C VAL A 176 -2.51 9.91 -4.90
N PRO A 177 -2.30 8.80 -4.20
CA PRO A 177 -1.77 7.68 -4.87
C PRO A 177 -2.62 7.25 -6.01
N GLY A 178 -1.98 6.92 -7.10
CA GLY A 178 -2.65 6.36 -8.26
C GLY A 178 -3.01 7.41 -9.29
N SER A 179 -2.93 8.67 -8.86
CA SER A 179 -3.52 9.78 -9.62
C SER A 179 -2.72 10.06 -10.89
N HIS A 180 -1.49 9.57 -10.91
CA HIS A 180 -0.58 9.64 -12.07
C HIS A 180 -0.88 8.72 -13.21
N LEU A 181 -1.82 7.86 -12.94
CA LEU A 181 -2.41 7.00 -13.98
C LEU A 181 -3.65 7.48 -14.69
N LEU A 182 -4.21 8.55 -14.16
CA LEU A 182 -5.46 9.10 -14.71
C LEU A 182 -5.12 9.81 -15.94
N PRO A 183 -6.09 9.96 -16.82
CA PRO A 183 -5.93 10.83 -17.96
C PRO A 183 -5.71 12.25 -17.56
N ASP A 184 -5.03 12.99 -18.39
CA ASP A 184 -4.67 14.34 -18.00
C ASP A 184 -5.91 15.13 -17.93
N PRO A 185 -5.86 16.25 -17.23
CA PRO A 185 -7.01 17.10 -17.20
C PRO A 185 -7.12 17.96 -18.41
N ASP A 186 -8.33 18.48 -18.64
CA ASP A 186 -8.62 19.30 -19.83
C ASP A 186 -7.53 20.32 -20.00
N THR A 187 -6.82 20.22 -21.13
CA THR A 187 -5.82 21.25 -21.50
C THR A 187 -6.72 22.47 -21.70
N GLY A 188 -6.79 23.25 -20.64
CA GLY A 188 -7.41 24.59 -20.64
C GLY A 188 -6.22 25.57 -20.68
N ASP A 189 -6.15 26.48 -19.71
CA ASP A 189 -5.16 27.58 -19.69
C ASP A 189 -3.97 27.69 -18.69
N GLU A 190 -4.11 27.03 -17.58
CA GLU A 190 -3.06 27.12 -16.56
C GLU A 190 -2.50 25.74 -16.42
N PRO A 191 -1.25 25.53 -16.87
CA PRO A 191 -0.69 24.22 -17.10
C PRO A 191 -0.64 23.30 -15.90
N TRP A 192 -0.69 23.88 -14.70
CA TRP A 192 -0.75 23.17 -13.38
C TRP A 192 -2.18 22.77 -12.92
N ALA A 193 -3.20 23.30 -13.60
CA ALA A 193 -4.63 23.20 -13.19
C ALA A 193 -5.21 21.84 -13.51
N GLY A 194 -6.38 21.57 -12.98
CA GLY A 194 -7.08 20.29 -13.19
C GLY A 194 -7.13 19.26 -12.07
N ALA A 195 -6.24 19.42 -11.04
CA ALA A 195 -6.40 18.63 -9.80
C ALA A 195 -7.91 18.52 -9.40
N PHE A 196 -8.32 17.29 -9.14
CA PHE A 196 -9.67 16.90 -8.67
C PHE A 196 -10.81 17.23 -9.60
N THR A 197 -10.52 17.22 -10.90
CA THR A 197 -11.55 17.40 -11.97
C THR A 197 -11.89 16.14 -12.73
N ARG A 198 -11.14 15.06 -12.58
CA ARG A 198 -11.47 13.84 -13.36
C ARG A 198 -12.54 12.96 -12.72
N PRO A 199 -13.24 12.17 -13.54
CA PRO A 199 -14.40 11.44 -12.96
C PRO A 199 -13.89 10.54 -11.86
N GLY A 200 -14.67 10.39 -10.80
CA GLY A 200 -14.25 9.59 -9.62
C GLY A 200 -13.01 10.02 -8.83
N GLU A 201 -12.41 11.15 -9.19
CA GLU A 201 -11.14 11.56 -8.62
C GLU A 201 -11.27 11.97 -7.16
N ILE A 202 -12.38 12.59 -6.83
CA ILE A 202 -12.57 13.11 -5.46
C ILE A 202 -12.77 12.03 -4.39
N TRP A 203 -12.96 10.81 -4.90
CA TRP A 203 -13.23 9.62 -4.09
C TRP A 203 -12.01 8.79 -3.88
N MET A 204 -10.91 9.22 -4.45
CA MET A 204 -9.60 8.58 -4.19
C MET A 204 -8.98 8.99 -2.83
N PRO A 205 -8.31 8.05 -2.13
CA PRO A 205 -7.75 8.39 -0.82
C PRO A 205 -6.54 9.19 -0.99
N ARG A 206 -6.21 9.88 0.07
CA ARG A 206 -5.04 10.74 0.07
C ARG A 206 -4.10 10.50 1.22
N VAL A 207 -2.84 10.63 0.90
CA VAL A 207 -1.80 10.26 1.85
C VAL A 207 -0.92 11.44 2.25
N THR A 208 -0.92 11.72 3.54
CA THR A 208 -0.21 12.82 4.13
C THR A 208 1.09 12.25 4.72
N VAL A 209 2.19 12.86 4.34
CA VAL A 209 3.52 12.26 4.48
C VAL A 209 4.48 13.21 5.24
N PRO A 210 4.46 13.16 6.55
CA PRO A 210 5.40 13.95 7.25
C PRO A 210 6.82 13.38 7.09
N LEU A 211 7.76 14.28 7.12
CA LEU A 211 9.18 13.95 6.90
C LEU A 211 10.06 14.45 7.96
N ARG A 212 11.05 13.64 8.22
CA ARG A 212 12.24 14.03 9.11
C ARG A 212 13.30 14.64 8.24
N ALA A 213 13.91 15.62 8.80
CA ALA A 213 15.14 16.18 8.16
C ALA A 213 16.16 15.16 7.59
N GLY A 214 16.47 15.42 6.32
CA GLY A 214 17.27 14.57 5.47
C GLY A 214 16.48 13.50 4.75
N ASP A 215 15.16 13.42 5.03
CA ASP A 215 14.30 12.51 4.31
C ASP A 215 13.99 13.21 2.99
N CYS A 216 13.66 12.42 2.00
CA CYS A 216 13.09 12.99 0.76
C CYS A 216 11.89 12.22 0.22
N THR A 217 11.08 12.91 -0.60
CA THR A 217 10.01 12.20 -1.43
C THR A 217 10.35 12.34 -2.86
N PHE A 218 10.11 11.30 -3.64
CA PHE A 218 10.06 11.48 -5.10
C PHE A 218 8.62 11.40 -5.59
N HIS A 219 8.25 12.29 -6.48
CA HIS A 219 6.91 12.14 -7.15
C HIS A 219 6.89 12.42 -8.58
N HIS A 220 5.99 11.69 -9.20
CA HIS A 220 5.84 11.67 -10.65
C HIS A 220 5.11 12.95 -11.05
N ALA A 221 5.46 13.50 -12.20
CA ALA A 221 4.89 14.82 -12.70
C ALA A 221 3.38 14.91 -12.69
N ARG A 222 2.77 13.82 -13.14
CA ARG A 222 1.31 13.66 -13.11
C ARG A 222 0.63 13.35 -11.77
N THR A 223 1.39 13.11 -10.73
CA THR A 223 0.80 12.79 -9.44
C THR A 223 0.20 14.08 -8.87
N VAL A 224 -1.04 13.96 -8.43
CA VAL A 224 -1.69 15.07 -7.75
C VAL A 224 -1.18 15.15 -6.35
N HIS A 225 -0.82 16.35 -5.95
CA HIS A 225 -0.31 16.57 -4.61
C HIS A 225 -0.57 17.99 -4.14
N SER A 226 -0.44 18.19 -2.85
CA SER A 226 -0.76 19.43 -2.16
C SER A 226 0.16 19.53 -0.93
N ALA A 227 0.04 20.64 -0.20
CA ALA A 227 0.67 20.79 1.06
C ALA A 227 -0.08 21.68 1.98
N GLY A 228 0.11 21.43 3.26
CA GLY A 228 -0.53 22.22 4.29
C GLY A 228 0.13 23.58 4.43
N ALA A 229 -0.57 24.45 5.13
CA ALA A 229 0.03 25.66 5.63
C ALA A 229 1.03 25.30 6.79
N ASN A 230 2.00 26.18 6.98
CA ASN A 230 2.87 26.13 8.15
C ASN A 230 2.22 26.92 9.23
N SER A 231 1.67 26.21 10.17
CA SER A 231 1.04 26.83 11.31
C SER A 231 1.88 26.77 12.55
N THR A 232 3.19 26.75 12.37
CA THR A 232 4.11 26.76 13.48
C THR A 232 5.09 27.90 13.32
N ASP A 233 5.61 28.35 14.44
CA ASP A 233 6.59 29.46 14.43
C ASP A 233 8.02 29.04 13.96
N GLU A 234 8.22 27.80 13.56
CA GLU A 234 9.47 27.42 12.94
C GLU A 234 9.31 27.22 11.44
N PRO A 235 10.19 27.83 10.64
CA PRO A 235 10.07 27.77 9.24
C PRO A 235 10.27 26.44 8.57
N ARG A 236 9.55 26.25 7.47
CA ARG A 236 9.62 25.04 6.65
C ARG A 236 10.62 25.23 5.51
N LEU A 237 11.72 24.49 5.59
CA LEU A 237 12.83 24.64 4.61
C LEU A 237 13.10 23.35 3.94
N SER A 238 13.12 23.37 2.60
CA SER A 238 13.20 22.22 1.75
C SER A 238 13.81 22.60 0.40
N THR A 239 14.28 21.63 -0.35
CA THR A 239 14.61 21.86 -1.77
C THR A 239 13.78 20.99 -2.62
N SER A 240 13.45 21.51 -3.79
CA SER A 240 12.67 20.76 -4.81
C SER A 240 13.43 20.77 -6.10
N ALA A 241 13.73 19.60 -6.58
CA ALA A 241 14.53 19.46 -7.78
C ALA A 241 13.74 18.72 -8.81
N VAL A 242 13.61 19.31 -9.99
CA VAL A 242 12.95 18.66 -11.07
C VAL A 242 13.96 17.98 -11.96
N TYR A 243 13.90 16.66 -12.01
CA TYR A 243 14.63 15.88 -13.03
C TYR A 243 13.79 15.56 -14.30
N MET A 244 14.48 15.42 -15.42
CA MET A 244 13.89 15.25 -16.74
C MET A 244 14.67 14.29 -17.60
N ASP A 245 14.01 13.69 -18.55
CA ASP A 245 14.58 12.73 -19.45
C ASP A 245 15.76 13.36 -20.15
N ALA A 246 16.81 12.58 -20.31
CA ALA A 246 18.11 13.09 -20.81
C ALA A 246 18.08 13.67 -22.23
N THR A 247 17.09 13.25 -23.00
CA THR A 247 16.91 13.72 -24.40
C THR A 247 15.79 14.80 -24.57
N ALA A 248 15.33 15.36 -23.47
CA ALA A 248 14.32 16.39 -23.49
C ALA A 248 14.72 17.60 -24.25
N ALA A 249 13.69 18.29 -24.67
CA ALA A 249 13.82 19.48 -25.50
C ALA A 249 12.80 20.53 -25.11
N TYR A 250 13.09 21.77 -25.46
CA TYR A 250 12.31 22.91 -25.01
C TYR A 250 10.88 22.86 -25.56
N ARG A 251 9.94 23.24 -24.73
CA ARG A 251 8.53 23.22 -25.09
C ARG A 251 7.90 24.33 -24.29
N PRO A 252 7.80 25.52 -24.87
CA PRO A 252 7.09 26.56 -24.15
C PRO A 252 5.65 26.23 -23.73
N THR A 253 5.36 26.57 -22.48
CA THR A 253 4.05 26.41 -21.87
C THR A 253 3.09 27.51 -22.20
N GLY A 254 3.64 28.64 -22.60
CA GLY A 254 2.86 29.86 -22.81
C GLY A 254 2.90 30.89 -21.68
N ILE A 255 3.05 30.43 -20.47
CA ILE A 255 3.17 31.29 -19.30
C ILE A 255 4.62 31.81 -19.24
N ALA A 256 4.80 33.11 -19.37
CA ALA A 256 6.12 33.75 -19.54
C ALA A 256 7.08 33.43 -18.39
N PHE A 257 6.60 33.50 -17.15
CA PHE A 257 7.47 33.29 -16.05
C PHE A 257 7.92 31.81 -15.91
N LEU A 258 7.16 30.88 -16.51
CA LEU A 258 7.60 29.44 -16.61
C LEU A 258 8.58 29.15 -17.77
N ASP A 259 8.42 29.89 -18.82
CA ASP A 259 9.16 29.69 -20.07
C ASP A 259 10.52 30.36 -20.13
N ASP A 260 10.67 31.46 -19.41
CA ASP A 260 11.92 32.29 -19.47
C ASP A 260 12.99 31.69 -18.57
N LEU A 261 13.96 31.03 -19.17
CA LEU A 261 14.94 30.23 -18.39
C LEU A 261 16.28 30.95 -18.27
N PRO A 262 16.70 31.26 -17.04
CA PRO A 262 18.01 31.93 -16.91
C PRO A 262 19.23 31.04 -17.23
N GLY A 263 20.31 31.70 -17.60
CA GLY A 263 21.57 31.03 -17.94
C GLY A 263 21.48 30.13 -19.14
N THR A 264 20.71 30.55 -20.14
CA THR A 264 20.60 29.84 -21.43
C THR A 264 21.05 30.65 -22.62
N GLY A 265 21.67 31.79 -22.36
CA GLY A 265 22.08 32.74 -23.43
C GLY A 265 21.17 33.93 -23.62
N ALA A 266 21.61 34.83 -24.51
CA ALA A 266 20.98 36.16 -24.72
C ALA A 266 19.57 36.09 -25.31
N ASP A 267 19.46 35.64 -26.55
CA ASP A 267 18.14 35.30 -27.20
C ASP A 267 17.38 34.12 -26.48
N PRO A 268 16.00 34.16 -26.47
CA PRO A 268 15.25 33.08 -25.84
C PRO A 268 15.32 31.84 -26.68
N LEU A 269 14.88 30.76 -26.08
CA LEU A 269 15.01 29.46 -26.69
C LEU A 269 13.90 29.14 -27.66
N ARG A 270 14.27 28.54 -28.77
CA ARG A 270 13.25 28.11 -29.70
C ARG A 270 12.72 26.72 -29.28
N GLU A 271 11.46 26.48 -29.63
CA GLU A 271 10.81 25.19 -29.44
C GLU A 271 11.62 24.11 -30.09
N GLY A 272 11.78 23.00 -29.38
CA GLY A 272 12.42 21.79 -29.92
C GLY A 272 13.92 21.76 -29.77
N ALA A 273 14.46 22.85 -29.30
CA ALA A 273 15.88 22.94 -28.94
C ALA A 273 16.26 21.99 -27.83
N PRO A 274 17.41 21.31 -27.95
CA PRO A 274 17.71 20.39 -26.86
C PRO A 274 18.22 21.10 -25.61
N LEU A 275 17.91 20.50 -24.47
CA LEU A 275 18.37 21.01 -23.21
C LEU A 275 19.57 20.17 -22.78
N THR A 276 20.78 20.71 -22.96
CA THR A 276 22.00 19.96 -22.66
C THR A 276 23.17 20.82 -22.08
N GLY A 277 24.31 20.19 -21.84
CA GLY A 277 25.47 20.87 -21.27
C GLY A 277 25.38 21.06 -19.76
N ASP A 278 26.27 21.87 -19.22
CA ASP A 278 26.31 22.11 -17.76
C ASP A 278 25.09 22.78 -17.19
N ARG A 279 24.40 23.50 -18.03
CA ARG A 279 23.15 24.21 -17.65
C ARG A 279 22.04 23.24 -17.23
N PHE A 280 21.96 22.14 -17.98
CA PHE A 280 21.03 21.01 -17.74
C PHE A 280 21.84 19.71 -17.67
N PRO A 281 22.65 19.58 -16.62
CA PRO A 281 23.56 18.47 -16.52
C PRO A 281 22.96 17.09 -16.41
N LEU A 282 23.64 16.16 -17.06
CA LEU A 282 23.38 14.73 -16.93
C LEU A 282 23.53 14.30 -15.48
N LEU A 283 22.82 13.26 -15.09
CA LEU A 283 22.86 12.81 -13.67
C LEU A 283 23.94 11.79 -13.42
N ARG A 284 24.14 10.91 -14.41
CA ARG A 284 25.10 9.83 -14.36
C ARG A 284 26.25 10.21 -15.30
N ARG A 285 27.38 9.56 -15.11
CA ARG A 285 28.55 9.93 -15.88
C ARG A 285 29.15 8.73 -16.61
N ASP B 29 -15.79 -13.88 -3.83
CA ASP B 29 -14.45 -14.35 -4.37
C ASP B 29 -13.44 -14.64 -3.22
N PRO B 30 -12.96 -15.90 -3.11
CA PRO B 30 -12.02 -16.25 -2.03
C PRO B 30 -10.69 -15.49 -2.07
N ALA B 31 -9.97 -15.56 -3.18
CA ALA B 31 -8.65 -14.91 -3.34
C ALA B 31 -8.66 -13.39 -3.06
N ALA B 32 -9.75 -12.74 -3.47
CA ALA B 32 -10.00 -11.26 -3.24
C ALA B 32 -10.21 -10.89 -1.78
N LEU B 33 -11.10 -11.65 -1.18
CA LEU B 33 -11.34 -11.60 0.26
C LEU B 33 -10.05 -11.72 1.05
N GLU B 34 -9.14 -12.59 0.63
CA GLU B 34 -7.85 -12.77 1.33
C GLU B 34 -6.91 -11.55 1.20
N ARG B 35 -6.86 -10.96 0.01
CA ARG B 35 -6.17 -9.65 -0.24
C ARG B 35 -6.69 -8.54 0.68
N LEU B 36 -7.98 -8.57 0.90
CA LEU B 36 -8.61 -7.64 1.83
C LEU B 36 -8.15 -7.80 3.27
N ALA B 37 -8.07 -9.03 3.73
CA ALA B 37 -7.59 -9.30 5.09
C ALA B 37 -6.11 -8.98 5.28
N ALA B 38 -5.35 -9.18 4.23
CA ALA B 38 -3.97 -8.77 4.20
C ALA B 38 -3.89 -7.26 4.41
N ARG B 39 -4.69 -6.52 3.64
CA ARG B 39 -4.73 -5.03 3.79
C ARG B 39 -5.11 -4.61 5.22
N TYR B 40 -6.17 -5.20 5.76
CA TYR B 40 -6.56 -5.00 7.16
C TYR B 40 -5.44 -5.30 8.15
N ARG B 41 -4.72 -6.39 7.98
CA ARG B 41 -3.65 -6.76 8.95
C ARG B 41 -2.45 -5.81 8.83
N ARG B 42 -2.16 -5.40 7.62
CA ARG B 42 -0.99 -4.51 7.36
C ARG B 42 -1.29 -3.12 7.92
N ASP B 43 -2.45 -2.57 7.51
CA ASP B 43 -2.87 -1.21 7.84
C ASP B 43 -3.74 -0.99 9.11
N GLY B 44 -4.43 -2.00 9.57
CA GLY B 44 -5.42 -1.80 10.64
C GLY B 44 -6.73 -1.09 10.25
N TYR B 45 -6.94 -0.90 8.95
CA TYR B 45 -8.26 -0.49 8.42
C TYR B 45 -8.33 -0.92 6.98
N VAL B 46 -9.55 -0.96 6.50
CA VAL B 46 -9.77 -1.34 5.10
C VAL B 46 -11.05 -0.70 4.63
N HIS B 47 -11.08 -0.32 3.36
CA HIS B 47 -12.25 0.34 2.75
C HIS B 47 -12.89 -0.63 1.81
N VAL B 48 -14.17 -0.85 2.01
CA VAL B 48 -14.96 -1.73 1.13
C VAL B 48 -16.03 -0.97 0.42
N PRO B 49 -15.89 -0.81 -0.90
CA PRO B 49 -16.99 -0.18 -1.64
C PRO B 49 -18.24 -1.02 -1.86
N GLY B 50 -19.34 -0.29 -1.76
CA GLY B 50 -20.71 -0.76 -2.14
C GLY B 50 -21.17 -1.95 -1.35
N VAL B 51 -21.01 -1.85 -0.05
CA VAL B 51 -21.31 -2.99 0.81
C VAL B 51 -22.81 -3.11 0.98
N LEU B 52 -23.44 -1.97 0.82
CA LEU B 52 -24.87 -1.88 0.65
C LEU B 52 -25.27 -1.46 -0.75
N ASP B 53 -26.32 -2.11 -1.25
CA ASP B 53 -26.97 -1.72 -2.54
C ASP B 53 -27.77 -0.38 -2.34
N ALA B 54 -28.21 0.21 -3.45
CA ALA B 54 -28.71 1.60 -3.43
C ALA B 54 -29.98 1.78 -2.57
N GLY B 55 -30.89 0.82 -2.69
CA GLY B 55 -32.14 0.76 -1.93
C GLY B 55 -31.95 0.49 -0.45
N GLU B 56 -31.06 -0.41 -0.13
CA GLU B 56 -30.61 -0.56 1.28
C GLU B 56 -30.18 0.80 1.93
N VAL B 57 -29.43 1.59 1.17
CA VAL B 57 -28.98 2.91 1.65
C VAL B 57 -30.16 3.80 1.99
N ALA B 58 -31.02 3.95 1.00
CA ALA B 58 -32.26 4.77 1.16
C ALA B 58 -33.08 4.35 2.37
N GLU B 59 -33.09 3.03 2.60
CA GLU B 59 -33.83 2.41 3.73
C GLU B 59 -33.23 2.77 5.09
N TYR B 60 -31.92 2.55 5.20
CA TYR B 60 -31.23 2.77 6.47
C TYR B 60 -31.07 4.26 6.73
N LEU B 61 -30.95 5.00 5.64
CA LEU B 61 -30.86 6.47 5.71
C LEU B 61 -32.11 7.09 6.27
N ALA B 62 -33.25 6.63 5.77
CA ALA B 62 -34.51 7.17 6.19
C ALA B 62 -34.72 6.94 7.67
N GLU B 63 -34.27 5.78 8.11
CA GLU B 63 -34.42 5.34 9.50
C GLU B 63 -33.49 6.08 10.47
N ALA B 64 -32.24 6.23 10.06
CA ALA B 64 -31.26 7.10 10.77
C ALA B 64 -31.82 8.50 11.07
N ARG B 65 -32.42 9.10 10.05
CA ARG B 65 -33.02 10.43 10.16
C ARG B 65 -34.12 10.48 11.14
N ARG B 66 -34.93 9.42 11.12
CA ARG B 66 -36.15 9.35 11.91
C ARG B 66 -35.73 9.28 13.38
N LEU B 67 -34.75 8.44 13.63
CA LEU B 67 -34.17 8.26 14.97
C LEU B 67 -33.57 9.58 15.50
N LEU B 68 -32.82 10.25 14.65
CA LEU B 68 -32.23 11.58 14.99
C LEU B 68 -33.24 12.70 15.24
N ALA B 69 -34.47 12.55 14.76
CA ALA B 69 -35.53 13.55 14.99
C ALA B 69 -36.45 13.21 16.17
N HIS B 70 -36.62 11.92 16.43
CA HIS B 70 -37.63 11.43 17.41
C HIS B 70 -37.02 10.90 18.72
N GLU B 71 -35.96 10.11 18.61
CA GLU B 71 -35.18 9.63 19.80
C GLU B 71 -34.31 10.76 20.40
N GLU B 72 -33.71 10.40 21.53
CA GLU B 72 -32.81 11.28 22.27
C GLU B 72 -31.42 11.01 21.79
N SER B 73 -30.75 12.06 21.41
CA SER B 73 -29.37 11.94 20.99
C SER B 73 -28.44 12.44 22.08
N VAL B 74 -27.18 12.07 21.91
CA VAL B 74 -26.12 12.42 22.83
C VAL B 74 -25.18 13.35 22.07
N ARG B 75 -24.89 14.48 22.70
CA ARG B 75 -23.97 15.47 22.17
C ARG B 75 -22.60 15.11 22.71
N TRP B 76 -21.74 14.73 21.79
CA TRP B 76 -20.32 14.58 22.10
C TRP B 76 -19.80 15.91 21.67
N GLY B 77 -19.26 16.65 22.62
CA GLY B 77 -18.82 17.99 22.34
C GLY B 77 -17.47 18.34 22.90
N SER B 78 -16.96 19.42 22.32
CA SER B 78 -16.00 20.31 22.98
CA SER B 78 -16.00 20.32 22.96
C SER B 78 -16.80 21.59 23.33
N GLY B 79 -16.16 22.57 23.96
CA GLY B 79 -16.68 23.99 24.02
C GLY B 79 -16.26 24.75 22.73
N ALA B 80 -15.35 24.11 21.97
CA ALA B 80 -14.99 24.40 20.54
C ALA B 80 -16.19 24.24 19.59
N GLY B 81 -16.97 23.20 19.87
CA GLY B 81 -18.31 23.03 19.26
C GLY B 81 -18.72 21.57 19.27
N THR B 82 -19.74 21.25 18.47
CA THR B 82 -20.25 19.87 18.37
C THR B 82 -19.31 19.01 17.51
N VAL B 83 -18.79 17.95 18.11
CA VAL B 83 -18.01 16.93 17.41
C VAL B 83 -19.00 16.10 16.62
N MET B 84 -20.00 15.61 17.32
CA MET B 84 -21.15 14.98 16.68
C MET B 84 -22.33 14.86 17.64
N ASP B 85 -23.50 14.65 17.07
CA ASP B 85 -24.64 14.19 17.82
C ASP B 85 -24.78 12.73 17.41
N TYR B 86 -25.16 11.87 18.34
CA TYR B 86 -25.40 10.46 18.00
C TYR B 86 -26.46 9.80 18.83
N VAL B 87 -26.99 8.72 18.26
CA VAL B 87 -27.98 7.86 18.92
C VAL B 87 -27.25 6.61 19.42
N ALA B 88 -27.18 6.48 20.75
CA ALA B 88 -26.48 5.37 21.40
C ALA B 88 -27.33 4.12 21.39
N ASP B 89 -26.69 2.98 21.17
CA ASP B 89 -27.34 1.67 21.25
C ASP B 89 -28.65 1.62 20.44
N ALA B 90 -28.51 2.09 19.22
CA ALA B 90 -29.64 2.39 18.37
C ALA B 90 -30.39 1.11 17.98
N GLN B 91 -29.63 0.02 17.87
CA GLN B 91 -30.17 -1.33 17.55
C GLN B 91 -31.21 -1.85 18.56
N LEU B 92 -31.22 -1.28 19.76
CA LEU B 92 -32.23 -1.69 20.78
C LEU B 92 -33.60 -1.14 20.50
N GLY B 93 -33.64 0.13 20.12
CA GLY B 93 -34.93 0.80 19.86
C GLY B 93 -35.54 0.52 18.49
N SER B 94 -34.73 -0.08 17.61
CA SER B 94 -35.04 -0.18 16.18
C SER B 94 -34.57 -1.50 15.52
N ASP B 95 -35.54 -2.36 15.18
CA ASP B 95 -35.28 -3.63 14.43
C ASP B 95 -34.53 -3.41 13.11
N THR B 96 -34.81 -2.27 12.47
CA THR B 96 -34.19 -1.86 11.18
C THR B 96 -32.65 -1.71 11.34
N MET B 97 -32.29 -0.94 12.34
CA MET B 97 -30.89 -0.77 12.73
C MET B 97 -30.25 -2.08 13.19
N ARG B 98 -31.00 -2.91 13.90
CA ARG B 98 -30.48 -4.22 14.26
C ARG B 98 -30.14 -5.10 13.04
N ARG B 99 -30.91 -4.95 11.96
CA ARG B 99 -30.64 -5.69 10.70
C ARG B 99 -29.35 -5.23 10.08
N LEU B 100 -29.12 -3.93 10.15
CA LEU B 100 -27.91 -3.33 9.57
C LEU B 100 -26.71 -3.78 10.35
N ALA B 101 -26.83 -3.72 11.66
CA ALA B 101 -25.76 -4.18 12.59
C ALA B 101 -25.35 -5.63 12.34
N THR B 102 -26.31 -6.44 11.92
CA THR B 102 -26.11 -7.87 11.66
C THR B 102 -26.19 -8.23 10.18
N HIS B 103 -26.03 -7.22 9.33
CA HIS B 103 -26.26 -7.37 7.88
C HIS B 103 -25.35 -8.52 7.39
N PRO B 104 -25.89 -9.47 6.63
CA PRO B 104 -25.12 -10.68 6.32
C PRO B 104 -23.77 -10.48 5.70
N ARG B 105 -23.68 -9.47 4.84
CA ARG B 105 -22.43 -9.16 4.17
C ARG B 105 -21.38 -8.43 5.04
N ILE B 106 -21.82 -7.40 5.76
CA ILE B 106 -20.96 -6.69 6.71
C ILE B 106 -20.44 -7.65 7.75
N ALA B 107 -21.33 -8.49 8.26
CA ALA B 107 -21.00 -9.56 9.23
C ALA B 107 -19.98 -10.57 8.72
N ALA B 108 -20.14 -11.05 7.49
CA ALA B 108 -19.23 -12.07 6.93
C ALA B 108 -17.83 -11.50 6.78
N LEU B 109 -17.76 -10.25 6.34
CA LEU B 109 -16.51 -9.54 6.24
C LEU B 109 -15.90 -9.36 7.61
N ALA B 110 -16.71 -8.87 8.53
CA ALA B 110 -16.21 -8.64 9.90
C ALA B 110 -15.56 -9.94 10.44
N GLU B 111 -16.25 -11.06 10.37
CA GLU B 111 -15.71 -12.32 10.93
C GLU B 111 -14.45 -12.80 10.21
N TYR B 112 -14.37 -12.56 8.91
CA TYR B 112 -13.17 -12.99 8.14
C TYR B 112 -11.96 -12.18 8.58
N LEU B 113 -12.12 -10.88 8.58
CA LEU B 113 -11.05 -9.99 9.00
C LEU B 113 -10.61 -10.20 10.43
N ALA B 114 -11.60 -10.37 11.30
CA ALA B 114 -11.30 -10.51 12.72
C ALA B 114 -10.61 -11.83 13.02
N GLY B 115 -10.84 -12.82 12.17
CA GLY B 115 -10.19 -14.14 12.29
C GLY B 115 -10.92 -15.13 13.19
N SER B 116 -11.92 -14.66 13.94
CA SER B 116 -12.73 -15.55 14.84
C SER B 116 -14.25 -15.24 14.80
N PRO B 117 -15.10 -16.08 15.42
CA PRO B 117 -16.53 -15.75 15.51
C PRO B 117 -16.77 -14.48 16.32
N LEU B 118 -17.69 -13.65 15.87
CA LEU B 118 -18.02 -12.40 16.57
C LEU B 118 -19.49 -12.23 17.07
N ARG B 119 -19.62 -11.24 17.94
CA ARG B 119 -20.89 -10.71 18.40
C ARG B 119 -20.94 -9.22 18.25
N LEU B 120 -22.14 -8.73 18.16
CA LEU B 120 -22.36 -7.30 18.16
C LEU B 120 -22.32 -6.81 19.60
N PHE B 121 -21.56 -5.75 19.81
CA PHE B 121 -21.58 -5.00 21.10
C PHE B 121 -22.54 -3.81 21.05
N LYS B 122 -22.35 -2.95 20.05
CA LYS B 122 -23.22 -1.79 19.88
C LYS B 122 -23.25 -1.27 18.46
N LEU B 123 -24.30 -0.56 18.15
CA LEU B 123 -24.42 0.21 16.92
C LEU B 123 -24.86 1.62 17.30
N GLU B 124 -24.23 2.59 16.65
CA GLU B 124 -24.53 4.03 16.87
C GLU B 124 -24.87 4.76 15.58
N VAL B 125 -25.83 5.67 15.65
CA VAL B 125 -26.18 6.44 14.47
C VAL B 125 -25.57 7.81 14.67
N LEU B 126 -24.73 8.19 13.72
CA LEU B 126 -23.87 9.39 13.81
C LEU B 126 -24.23 10.60 12.91
N LEU B 127 -24.09 11.78 13.47
CA LEU B 127 -24.45 13.02 12.81
C LEU B 127 -23.47 14.15 13.03
N LYS B 128 -22.78 14.54 11.98
CA LYS B 128 -22.07 15.83 11.96
C LYS B 128 -22.84 16.78 11.08
N GLU B 129 -23.27 17.89 11.65
CA GLU B 129 -23.82 18.98 10.84
C GLU B 129 -23.49 20.38 11.37
N ASN B 130 -23.70 21.38 10.53
CA ASN B 130 -23.61 22.80 10.92
C ASN B 130 -25.00 23.41 11.25
N LYS B 131 -25.17 23.81 12.51
CA LYS B 131 -26.32 24.61 12.99
C LYS B 131 -25.89 26.07 13.09
N GLU B 132 -26.83 26.95 13.39
CA GLU B 132 -26.55 28.41 13.40
C GLU B 132 -25.59 28.89 14.52
N LYS B 133 -25.87 28.53 15.77
CA LYS B 133 -24.95 28.85 16.88
C LYS B 133 -23.73 27.90 16.88
N ASP B 134 -24.03 26.66 16.50
CA ASP B 134 -23.16 25.50 16.71
C ASP B 134 -22.60 24.97 15.40
N ALA B 135 -21.42 25.50 15.07
CA ALA B 135 -20.63 24.98 13.95
C ALA B 135 -20.10 23.58 14.24
N SER B 136 -19.96 22.80 13.18
CA SER B 136 -19.38 21.44 13.24
C SER B 136 -17.86 21.50 13.36
N VAL B 137 -17.33 20.70 14.25
CA VAL B 137 -15.88 20.64 14.44
C VAL B 137 -15.39 19.23 14.14
N PRO B 138 -14.06 19.05 14.00
CA PRO B 138 -13.54 17.74 13.73
C PRO B 138 -13.62 16.76 14.92
N THR B 139 -13.47 15.47 14.58
CA THR B 139 -13.29 14.39 15.54
C THR B 139 -11.80 14.27 15.72
N ALA B 140 -11.32 14.52 16.93
CA ALA B 140 -9.90 14.51 17.21
C ALA B 140 -9.35 13.10 17.16
N PRO B 141 -8.08 12.95 16.85
CA PRO B 141 -7.54 11.61 16.80
C PRO B 141 -7.71 10.91 18.12
N HIS B 142 -8.05 9.65 18.04
CA HIS B 142 -8.28 8.88 19.19
C HIS B 142 -7.98 7.41 18.96
N HIS B 143 -8.11 6.64 20.04
CA HIS B 143 -7.72 5.23 20.16
C HIS B 143 -8.92 4.49 20.84
N ASP B 144 -9.82 3.93 20.05
CA ASP B 144 -11.13 3.43 20.59
C ASP B 144 -11.00 2.27 21.64
N ALA B 145 -9.88 1.59 21.58
CA ALA B 145 -9.76 0.26 22.13
C ALA B 145 -10.10 0.00 23.57
N PHE B 146 -9.53 0.70 24.53
CA PHE B 146 -9.88 0.33 25.94
C PHE B 146 -11.04 1.11 26.53
N ALA B 147 -11.67 1.89 25.66
CA ALA B 147 -13.00 2.51 25.92
C ALA B 147 -14.19 1.60 25.69
N PHE B 148 -13.91 0.37 25.30
CA PHE B 148 -14.93 -0.67 25.14
C PHE B 148 -14.90 -1.51 26.41
N PRO B 149 -16.03 -1.65 27.08
CA PRO B 149 -16.04 -2.31 28.38
C PRO B 149 -16.19 -3.82 28.30
N PHE B 150 -15.30 -4.43 27.54
CA PHE B 150 -15.24 -5.90 27.45
C PHE B 150 -13.78 -6.44 27.35
N SER B 151 -13.63 -7.69 27.78
CA SER B 151 -12.34 -8.37 27.94
C SER B 151 -11.48 -8.30 26.70
N THR B 152 -12.12 -8.45 25.55
CA THR B 152 -11.40 -8.50 24.25
C THR B 152 -11.34 -7.18 23.47
N ALA B 153 -11.56 -6.09 24.17
CA ALA B 153 -11.43 -4.74 23.61
C ALA B 153 -10.22 -4.51 22.72
N GLY B 154 -9.08 -5.03 23.13
CA GLY B 154 -7.81 -4.88 22.35
C GLY B 154 -7.85 -5.29 20.88
N THR B 155 -8.73 -6.24 20.58
CA THR B 155 -8.87 -6.79 19.20
C THR B 155 -10.24 -6.66 18.58
N ALA B 156 -11.06 -5.80 19.17
CA ALA B 156 -12.38 -5.47 18.66
C ALA B 156 -12.26 -4.83 17.31
N LEU B 157 -13.33 -4.87 16.55
CA LEU B 157 -13.36 -4.13 15.29
C LEU B 157 -14.68 -3.44 15.00
N THR B 158 -14.54 -2.29 14.35
CA THR B 158 -15.58 -1.32 14.14
C THR B 158 -15.86 -1.21 12.66
N ALA B 159 -17.12 -1.30 12.31
CA ALA B 159 -17.63 -1.03 10.93
C ALA B 159 -18.38 0.31 10.85
N TRP B 160 -17.98 1.13 9.91
CA TRP B 160 -18.48 2.52 9.74
C TRP B 160 -19.01 2.61 8.35
N VAL B 161 -20.31 2.86 8.29
CA VAL B 161 -21.09 2.71 7.04
C VAL B 161 -21.61 4.08 6.71
N ALA B 162 -21.29 4.53 5.52
CA ALA B 162 -21.82 5.81 5.02
C ALA B 162 -23.21 5.60 4.44
N LEU B 163 -24.12 6.41 4.93
CA LEU B 163 -25.48 6.49 4.44
C LEU B 163 -25.74 7.62 3.45
N VAL B 164 -24.75 8.49 3.33
CA VAL B 164 -24.71 9.54 2.33
C VAL B 164 -23.32 9.64 1.76
N ASP B 165 -23.19 10.32 0.64
CA ASP B 165 -21.83 10.65 0.15
C ASP B 165 -21.07 11.45 1.23
N VAL B 166 -19.83 11.04 1.47
CA VAL B 166 -18.97 11.67 2.44
C VAL B 166 -17.64 11.98 1.78
N PRO B 167 -17.59 13.08 1.03
CA PRO B 167 -16.27 13.54 0.63
C PRO B 167 -15.50 14.21 1.76
N VAL B 168 -14.26 14.56 1.45
CA VAL B 168 -13.36 15.06 2.47
C VAL B 168 -14.01 16.19 3.27
N GLU B 169 -14.49 17.17 2.53
CA GLU B 169 -15.07 18.40 3.13
C GLU B 169 -16.36 18.21 3.97
N ARG B 170 -16.92 17.01 3.94
CA ARG B 170 -18.09 16.69 4.73
C ARG B 170 -17.78 15.91 5.98
N GLY B 171 -16.52 15.57 6.18
CA GLY B 171 -16.08 14.99 7.45
C GLY B 171 -15.79 13.50 7.43
N CYS B 172 -15.15 13.05 6.34
CA CYS B 172 -14.71 11.64 6.28
C CYS B 172 -13.58 11.36 7.22
N MET B 173 -13.30 10.09 7.38
CA MET B 173 -12.27 9.71 8.34
C MET B 173 -10.85 9.76 7.80
N THR B 174 -9.91 9.82 8.71
CA THR B 174 -8.47 9.70 8.39
C THR B 174 -7.89 8.64 9.31
N PHE B 175 -7.14 7.69 8.78
CA PHE B 175 -6.57 6.62 9.59
C PHE B 175 -5.06 6.70 9.52
N VAL B 176 -4.41 6.23 10.56
CA VAL B 176 -2.96 6.03 10.54
C VAL B 176 -2.64 4.56 10.30
N PRO B 177 -2.32 4.17 9.07
CA PRO B 177 -1.96 2.80 8.86
C PRO B 177 -0.73 2.30 9.62
N GLY B 178 -0.86 1.11 10.13
CA GLY B 178 0.12 0.52 10.94
C GLY B 178 0.01 0.76 12.43
N SER B 179 -0.79 1.73 12.81
CA SER B 179 -0.80 2.29 14.19
C SER B 179 -1.34 1.28 15.22
N HIS B 180 -2.09 0.31 14.72
CA HIS B 180 -2.59 -0.79 15.50
C HIS B 180 -1.56 -1.83 15.93
N LEU B 181 -0.36 -1.69 15.42
CA LEU B 181 0.77 -2.51 15.81
C LEU B 181 1.63 -1.93 16.88
N LEU B 182 1.38 -0.69 17.21
CA LEU B 182 2.17 0.01 18.21
C LEU B 182 1.73 -0.42 19.54
N PRO B 183 2.60 -0.31 20.53
CA PRO B 183 2.19 -0.58 21.88
C PRO B 183 1.11 0.35 22.28
N ASP B 184 0.31 -0.07 23.23
CA ASP B 184 -0.76 0.80 23.68
C ASP B 184 -0.19 2.02 24.37
N PRO B 185 -1.01 3.07 24.48
CA PRO B 185 -0.52 4.26 25.15
C PRO B 185 -0.67 4.13 26.64
N ASP B 186 0.04 5.01 27.36
CA ASP B 186 -0.02 5.13 28.86
C ASP B 186 -1.46 5.32 29.30
N THR B 187 -2.03 4.25 29.87
CA THR B 187 -3.46 4.24 30.25
C THR B 187 -3.50 5.23 31.42
N GLY B 188 -3.84 6.48 31.07
CA GLY B 188 -4.06 7.55 32.02
C GLY B 188 -5.56 7.65 32.26
N ASP B 189 -6.07 8.88 32.30
CA ASP B 189 -7.43 9.14 32.85
C ASP B 189 -8.55 8.76 31.93
N GLU B 190 -8.24 8.65 30.64
CA GLU B 190 -9.29 8.51 29.64
C GLU B 190 -9.01 7.41 28.67
N PRO B 191 -9.84 6.35 28.64
CA PRO B 191 -9.56 5.09 27.90
C PRO B 191 -9.34 5.20 26.39
N TRP B 192 -9.84 6.30 25.82
CA TRP B 192 -9.68 6.69 24.39
C TRP B 192 -8.40 7.50 24.05
N ALA B 193 -7.73 7.97 25.10
CA ALA B 193 -6.61 8.91 24.97
C ALA B 193 -5.36 8.23 24.48
N GLY B 194 -4.37 9.06 24.12
CA GLY B 194 -3.03 8.55 23.75
C GLY B 194 -2.63 8.58 22.28
N ALA B 195 -3.58 8.83 21.42
CA ALA B 195 -3.26 9.11 20.01
C ALA B 195 -2.09 10.08 19.87
N PHE B 196 -1.13 9.71 19.04
CA PHE B 196 0.11 10.51 18.75
C PHE B 196 1.01 10.80 19.91
N THR B 197 1.00 9.91 20.87
CA THR B 197 1.94 9.96 22.02
C THR B 197 3.11 8.95 21.98
N ARG B 198 3.08 7.96 21.11
CA ARG B 198 4.15 6.93 21.11
C ARG B 198 5.37 7.33 20.29
N PRO B 199 6.58 6.78 20.67
CA PRO B 199 7.78 7.28 19.96
C PRO B 199 7.64 7.09 18.43
N GLY B 200 8.16 8.03 17.68
CA GLY B 200 8.04 8.02 16.21
C GLY B 200 6.61 8.03 15.58
N GLU B 201 5.58 8.19 16.42
CA GLU B 201 4.22 8.07 15.91
C GLU B 201 3.80 9.25 15.01
N ILE B 202 4.25 10.44 15.32
CA ILE B 202 3.88 11.63 14.58
C ILE B 202 4.49 11.71 13.19
N TRP B 203 5.40 10.79 12.94
CA TRP B 203 6.10 10.66 11.65
C TRP B 203 5.50 9.61 10.75
N MET B 204 4.54 8.88 11.24
CA MET B 204 3.79 7.95 10.41
C MET B 204 2.78 8.66 9.45
N PRO B 205 2.64 8.13 8.22
CA PRO B 205 1.72 8.78 7.29
C PRO B 205 0.28 8.52 7.61
N ARG B 206 -0.57 9.36 7.08
CA ARG B 206 -1.95 9.27 7.35
C ARG B 206 -2.82 9.28 6.12
N VAL B 207 -3.87 8.50 6.16
CA VAL B 207 -4.64 8.27 5.00
C VAL B 207 -6.09 8.73 5.19
N THR B 208 -6.50 9.64 4.32
CA THR B 208 -7.82 10.26 4.34
C THR B 208 -8.68 9.51 3.33
N VAL B 209 -9.83 9.06 3.79
CA VAL B 209 -10.61 8.10 3.04
C VAL B 209 -12.09 8.55 2.81
N PRO B 210 -12.30 9.28 1.73
CA PRO B 210 -13.68 9.65 1.40
C PRO B 210 -14.48 8.46 0.91
N LEU B 211 -15.75 8.50 1.21
CA LEU B 211 -16.64 7.37 0.95
C LEU B 211 -17.85 7.79 0.26
N ARG B 212 -18.28 6.89 -0.59
CA ARG B 212 -19.61 7.02 -1.28
C ARG B 212 -20.66 6.31 -0.45
N ALA B 213 -21.87 6.83 -0.52
CA ALA B 213 -23.02 6.18 0.13
C ALA B 213 -23.12 4.69 -0.18
N GLY B 214 -23.25 3.94 0.91
CA GLY B 214 -23.25 2.49 0.90
C GLY B 214 -21.90 1.82 0.95
N ASP B 215 -20.85 2.62 0.92
CA ASP B 215 -19.50 2.15 1.21
C ASP B 215 -19.35 2.02 2.70
N CYS B 216 -18.44 1.16 3.11
CA CYS B 216 -18.04 1.11 4.54
C CYS B 216 -16.53 0.99 4.77
N THR B 217 -16.08 1.37 5.95
CA THR B 217 -14.70 1.06 6.41
C THR B 217 -14.69 0.19 7.65
N PHE B 218 -13.76 -0.74 7.70
CA PHE B 218 -13.55 -1.50 8.91
C PHE B 218 -12.26 -1.06 9.52
N HIS B 219 -12.26 -0.84 10.83
CA HIS B 219 -11.00 -0.59 11.51
C HIS B 219 -10.86 -1.24 12.86
N HIS B 220 -9.60 -1.53 13.12
CA HIS B 220 -9.15 -2.33 14.27
C HIS B 220 -9.19 -1.41 15.45
N ALA B 221 -9.55 -1.94 16.61
CA ALA B 221 -9.74 -1.13 17.84
C ALA B 221 -8.53 -0.21 18.21
N ARG B 222 -7.36 -0.75 18.01
CA ARG B 222 -6.09 -0.04 18.19
C ARG B 222 -5.62 0.87 17.11
N THR B 223 -6.33 0.91 16.01
CA THR B 223 -5.97 1.83 14.91
C THR B 223 -6.32 3.27 15.26
N VAL B 224 -5.33 4.15 15.15
CA VAL B 224 -5.52 5.57 15.41
C VAL B 224 -6.27 6.18 14.23
N HIS B 225 -7.31 6.94 14.53
CA HIS B 225 -8.09 7.56 13.49
C HIS B 225 -8.74 8.80 13.95
N SER B 226 -9.18 9.58 13.00
CA SER B 226 -9.74 10.89 13.22
C SER B 226 -10.81 11.16 12.15
N ALA B 227 -11.43 12.32 12.22
CA ALA B 227 -12.29 12.81 11.14
C ALA B 227 -12.31 14.30 11.05
N GLY B 228 -12.59 14.79 9.85
CA GLY B 228 -12.69 16.20 9.61
C GLY B 228 -14.00 16.75 10.12
N ALA B 229 -14.04 18.06 10.17
CA ALA B 229 -15.28 18.76 10.39
C ALA B 229 -16.13 18.69 9.12
N ASN B 230 -17.43 18.78 9.31
CA ASN B 230 -18.32 18.95 8.18
C ASN B 230 -18.37 20.43 7.94
N SER B 231 -17.68 20.87 6.91
CA SER B 231 -17.79 22.26 6.45
C SER B 231 -18.76 22.46 5.26
N THR B 232 -19.78 21.62 5.15
CA THR B 232 -20.77 21.72 4.10
C THR B 232 -22.18 21.78 4.66
N ASP B 233 -23.06 22.43 3.92
CA ASP B 233 -24.45 22.57 4.38
C ASP B 233 -25.28 21.26 4.28
N GLU B 234 -24.68 20.15 3.86
CA GLU B 234 -25.39 18.85 3.87
C GLU B 234 -24.86 17.96 4.95
N PRO B 235 -25.75 17.36 5.75
CA PRO B 235 -25.32 16.66 6.94
C PRO B 235 -24.64 15.37 6.67
N ARG B 236 -23.74 15.04 7.56
CA ARG B 236 -22.98 13.79 7.49
C ARG B 236 -23.67 12.70 8.32
N LEU B 237 -24.17 11.69 7.63
CA LEU B 237 -24.91 10.60 8.28
C LEU B 237 -24.30 9.26 8.00
N SER B 238 -24.09 8.53 9.09
CA SER B 238 -23.33 7.28 9.09
C SER B 238 -23.81 6.38 10.24
N THR B 239 -23.53 5.08 10.17
CA THR B 239 -23.59 4.20 11.36
C THR B 239 -22.26 3.61 11.70
N SER B 240 -21.98 3.49 13.00
CA SER B 240 -20.73 2.92 13.55
C SER B 240 -21.07 1.74 14.43
N ALA B 241 -20.63 0.56 14.02
CA ALA B 241 -20.99 -0.69 14.71
C ALA B 241 -19.74 -1.32 15.26
N VAL B 242 -19.74 -1.58 16.56
CA VAL B 242 -18.61 -2.26 17.23
C VAL B 242 -18.89 -3.76 17.36
N TYR B 243 -18.14 -4.55 16.62
CA TYR B 243 -18.13 -6.00 16.79
C TYR B 243 -17.01 -6.51 17.73
N MET B 244 -17.27 -7.65 18.38
CA MET B 244 -16.45 -8.17 19.50
C MET B 244 -16.38 -9.66 19.47
N ASP B 245 -15.30 -10.20 20.02
CA ASP B 245 -15.09 -11.65 20.05
C ASP B 245 -16.31 -12.32 20.72
N ALA B 246 -16.71 -13.46 20.19
CA ALA B 246 -17.97 -14.13 20.64
C ALA B 246 -17.97 -14.57 22.09
N THR B 247 -16.78 -14.75 22.65
CA THR B 247 -16.61 -15.20 24.06
C THR B 247 -16.31 -14.06 25.05
N ALA B 248 -16.44 -12.82 24.59
CA ALA B 248 -16.13 -11.66 25.39
C ALA B 248 -16.98 -11.55 26.63
N ALA B 249 -16.41 -10.84 27.58
CA ALA B 249 -16.98 -10.70 28.93
C ALA B 249 -16.80 -9.29 29.45
N TYR B 250 -17.64 -8.92 30.39
CA TYR B 250 -17.72 -7.52 30.85
C TYR B 250 -16.43 -7.08 31.54
N ARG B 251 -16.03 -5.87 31.25
CA ARG B 251 -14.77 -5.33 31.80
C ARG B 251 -14.97 -3.84 31.98
N PRO B 252 -15.37 -3.39 33.17
CA PRO B 252 -15.63 -1.98 33.33
C PRO B 252 -14.38 -1.16 33.06
N THR B 253 -14.58 -0.06 32.36
CA THR B 253 -13.55 0.95 32.04
C THR B 253 -13.28 1.91 33.17
N GLY B 254 -14.25 2.03 34.06
CA GLY B 254 -14.23 3.09 35.09
C GLY B 254 -15.07 4.34 34.79
N ILE B 255 -15.24 4.67 33.51
CA ILE B 255 -16.05 5.82 33.08
C ILE B 255 -17.52 5.40 33.07
N ALA B 256 -18.34 6.03 33.90
CA ALA B 256 -19.73 5.61 34.13
C ALA B 256 -20.60 5.54 32.85
N PHE B 257 -20.51 6.55 32.03
CA PHE B 257 -21.35 6.56 30.84
C PHE B 257 -20.95 5.50 29.81
N LEU B 258 -19.71 5.04 29.87
CA LEU B 258 -19.24 3.91 28.99
C LEU B 258 -19.62 2.55 29.52
N ASP B 259 -19.63 2.45 30.84
CA ASP B 259 -19.85 1.18 31.53
C ASP B 259 -21.32 0.82 31.65
N ASP B 260 -22.17 1.83 31.72
CA ASP B 260 -23.61 1.62 32.01
C ASP B 260 -24.31 1.20 30.71
N LEU B 261 -24.63 -0.08 30.61
CA LEU B 261 -25.15 -0.67 29.37
C LEU B 261 -26.65 -0.87 29.43
N PRO B 262 -27.39 -0.21 28.52
CA PRO B 262 -28.85 -0.39 28.58
C PRO B 262 -29.31 -1.77 28.07
N GLY B 263 -30.48 -2.18 28.52
CA GLY B 263 -31.10 -3.46 28.11
C GLY B 263 -30.36 -4.69 28.58
N THR B 264 -29.76 -4.59 29.74
CA THR B 264 -29.02 -5.72 30.37
C THR B 264 -29.61 -6.13 31.72
N GLY B 265 -30.76 -5.56 32.06
CA GLY B 265 -31.38 -5.71 33.39
C GLY B 265 -31.20 -4.49 34.30
N ALA B 266 -32.01 -4.43 35.38
CA ALA B 266 -31.95 -3.33 36.40
C ALA B 266 -30.57 -3.25 37.07
N ASP B 267 -30.13 -4.39 37.58
CA ASP B 267 -28.83 -4.53 38.28
C ASP B 267 -27.56 -4.22 37.39
N PRO B 268 -26.56 -3.48 37.94
CA PRO B 268 -25.29 -3.34 37.18
C PRO B 268 -24.60 -4.70 36.94
N LEU B 269 -23.86 -4.79 35.85
CA LEU B 269 -23.18 -6.03 35.49
C LEU B 269 -21.91 -6.20 36.26
N ARG B 270 -21.67 -7.42 36.70
CA ARG B 270 -20.41 -7.69 37.40
C ARG B 270 -19.29 -8.01 36.40
N GLU B 271 -18.07 -7.64 36.79
CA GLU B 271 -16.87 -7.95 36.01
C GLU B 271 -16.76 -9.44 35.75
N GLY B 272 -16.40 -9.76 34.52
CA GLY B 272 -16.21 -11.16 34.06
C GLY B 272 -17.46 -11.89 33.59
N ALA B 273 -18.62 -11.25 33.75
CA ALA B 273 -19.90 -11.77 33.25
C ALA B 273 -19.89 -11.89 31.72
N PRO B 274 -20.43 -12.99 31.15
CA PRO B 274 -20.39 -13.05 29.71
C PRO B 274 -21.43 -12.17 29.07
N LEU B 275 -21.10 -11.69 27.89
CA LEU B 275 -22.00 -10.87 27.08
C LEU B 275 -22.61 -11.73 26.00
N THR B 276 -23.86 -12.17 26.23
CA THR B 276 -24.51 -13.13 25.32
C THR B 276 -26.02 -12.89 25.14
N GLY B 277 -26.65 -13.73 24.31
CA GLY B 277 -28.07 -13.63 24.02
C GLY B 277 -28.39 -12.60 22.96
N ASP B 278 -29.68 -12.26 22.83
CA ASP B 278 -30.16 -11.27 21.82
C ASP B 278 -29.64 -9.87 22.04
N ARG B 279 -29.29 -9.55 23.28
CA ARG B 279 -28.73 -8.24 23.61
C ARG B 279 -27.35 -7.99 22.94
N PHE B 280 -26.55 -9.05 22.93
CA PHE B 280 -25.23 -9.09 22.29
C PHE B 280 -25.17 -10.24 21.28
N PRO B 281 -25.95 -10.13 20.19
CA PRO B 281 -26.16 -11.27 19.29
C PRO B 281 -24.95 -11.74 18.51
N LEU B 282 -24.86 -13.05 18.36
CA LEU B 282 -23.90 -13.70 17.48
C LEU B 282 -24.06 -13.17 16.07
N LEU B 283 -22.98 -13.20 15.31
CA LEU B 283 -23.04 -12.71 13.92
C LEU B 283 -23.42 -13.78 12.90
N ARG B 284 -22.97 -15.03 13.13
CA ARG B 284 -23.51 -16.17 12.35
C ARG B 284 -25.03 -16.39 12.60
N ASP C 29 -8.16 -33.70 13.86
CA ASP C 29 -9.61 -33.45 14.15
C ASP C 29 -9.96 -31.94 14.11
N PRO C 30 -10.83 -31.52 13.17
CA PRO C 30 -11.24 -30.10 13.09
C PRO C 30 -11.85 -29.51 14.38
N ALA C 31 -12.94 -30.11 14.85
CA ALA C 31 -13.69 -29.63 16.05
C ALA C 31 -12.80 -29.47 17.29
N ALA C 32 -11.87 -30.40 17.46
CA ALA C 32 -10.90 -30.43 18.60
C ALA C 32 -9.88 -29.31 18.54
N LEU C 33 -9.31 -29.18 17.36
CA LEU C 33 -8.43 -28.06 17.01
C LEU C 33 -9.07 -26.72 17.30
N GLU C 34 -10.36 -26.57 17.05
CA GLU C 34 -11.09 -25.31 17.35
C GLU C 34 -11.25 -25.03 18.84
N ARG C 35 -11.55 -26.07 19.61
CA ARG C 35 -11.54 -25.99 21.11
C ARG C 35 -10.20 -25.52 21.65
N LEU C 36 -9.16 -25.96 20.99
CA LEU C 36 -7.81 -25.54 21.33
C LEU C 36 -7.55 -24.07 21.11
N ALA C 37 -7.96 -23.57 19.99
CA ALA C 37 -7.84 -22.15 19.73
C ALA C 37 -8.69 -21.28 20.66
N ALA C 38 -9.86 -21.79 21.04
CA ALA C 38 -10.73 -21.12 22.01
C ALA C 38 -9.93 -20.98 23.31
N ARG C 39 -9.32 -22.07 23.77
CA ARG C 39 -8.51 -22.02 24.99
C ARG C 39 -7.40 -20.99 24.88
N TYR C 40 -6.67 -21.03 23.77
CA TYR C 40 -5.63 -20.02 23.48
C TYR C 40 -6.12 -18.60 23.50
N ARG C 41 -7.24 -18.32 22.89
CA ARG C 41 -7.78 -16.95 22.88
C ARG C 41 -8.25 -16.51 24.29
N ARG C 42 -8.85 -17.43 25.01
CA ARG C 42 -9.41 -17.11 26.35
C ARG C 42 -8.25 -16.81 27.29
N ASP C 43 -7.31 -17.72 27.31
CA ASP C 43 -6.20 -17.70 28.27
C ASP C 43 -4.85 -17.08 27.81
N GLY C 44 -4.62 -17.02 26.51
CA GLY C 44 -3.36 -16.58 25.99
C GLY C 44 -2.22 -17.61 26.04
N TYR C 45 -2.55 -18.84 26.39
CA TYR C 45 -1.62 -19.94 26.32
C TYR C 45 -2.42 -21.23 26.21
N VAL C 46 -1.75 -22.25 25.76
CA VAL C 46 -2.38 -23.53 25.66
C VAL C 46 -1.32 -24.62 25.74
N HIS C 47 -1.68 -25.75 26.33
CA HIS C 47 -0.76 -26.86 26.53
C HIS C 47 -1.18 -27.96 25.61
N VAL C 48 -0.25 -28.44 24.80
CA VAL C 48 -0.51 -29.55 23.88
C VAL C 48 0.35 -30.76 24.17
N PRO C 49 -0.29 -31.85 24.61
CA PRO C 49 0.51 -33.02 24.89
C PRO C 49 0.96 -33.79 23.66
N GLY C 50 2.18 -34.29 23.80
CA GLY C 50 2.77 -35.28 22.91
C GLY C 50 2.86 -34.77 21.50
N VAL C 51 3.38 -33.57 21.38
CA VAL C 51 3.45 -32.96 20.07
C VAL C 51 4.57 -33.62 19.27
N LEU C 52 5.55 -34.13 20.01
CA LEU C 52 6.63 -34.97 19.47
C LEU C 52 6.51 -36.39 19.97
N ASP C 53 6.74 -37.32 19.06
CA ASP C 53 6.85 -38.76 19.41
C ASP C 53 8.19 -39.03 20.17
N ALA C 54 8.32 -40.24 20.72
CA ALA C 54 9.39 -40.53 21.69
C ALA C 54 10.80 -40.41 21.10
N GLY C 55 10.94 -40.94 19.88
CA GLY C 55 12.20 -40.90 19.11
C GLY C 55 12.59 -39.51 18.63
N GLU C 56 11.62 -38.75 18.20
CA GLU C 56 11.85 -37.29 17.96
C GLU C 56 12.47 -36.58 19.19
N VAL C 57 11.96 -36.89 20.39
CA VAL C 57 12.48 -36.27 21.63
C VAL C 57 13.95 -36.62 21.81
N ALA C 58 14.24 -37.91 21.81
CA ALA C 58 15.62 -38.40 21.96
C ALA C 58 16.56 -37.72 20.96
N GLU C 59 16.04 -37.48 19.74
CA GLU C 59 16.80 -36.87 18.61
C GLU C 59 17.14 -35.42 18.88
N TYR C 60 16.11 -34.67 19.22
CA TYR C 60 16.27 -33.23 19.48
C TYR C 60 16.97 -32.96 20.81
N LEU C 61 16.72 -33.85 21.76
CA LEU C 61 17.42 -33.80 23.07
C LEU C 61 18.95 -33.95 22.91
N ALA C 62 19.33 -34.94 22.12
CA ALA C 62 20.75 -35.25 21.90
C ALA C 62 21.47 -34.08 21.24
N GLU C 63 20.76 -33.42 20.35
CA GLU C 63 21.27 -32.28 19.62
C GLU C 63 21.37 -31.02 20.49
N ALA C 64 20.33 -30.76 21.27
CA ALA C 64 20.35 -29.66 22.29
C ALA C 64 21.57 -29.74 23.20
N ARG C 65 21.84 -30.94 23.68
CA ARG C 65 23.00 -31.21 24.54
C ARG C 65 24.33 -30.92 23.88
N ARG C 66 24.40 -31.31 22.63
CA ARG C 66 25.62 -31.20 21.83
C ARG C 66 25.93 -29.72 21.63
N LEU C 67 24.88 -28.97 21.30
CA LEU C 67 24.98 -27.49 21.11
C LEU C 67 25.39 -26.76 22.38
N LEU C 68 24.78 -27.15 23.49
CA LEU C 68 25.16 -26.63 24.82
C LEU C 68 26.57 -26.96 25.32
N ALA C 69 27.19 -27.99 24.76
CA ALA C 69 28.58 -28.33 25.10
C ALA C 69 29.62 -27.74 24.12
N HIS C 70 29.24 -27.59 22.85
CA HIS C 70 30.18 -27.27 21.73
C HIS C 70 30.07 -25.81 21.26
N GLU C 71 28.84 -25.33 21.06
CA GLU C 71 28.59 -23.91 20.75
C GLU C 71 28.78 -22.99 21.96
N GLU C 72 28.63 -21.69 21.67
CA GLU C 72 28.70 -20.62 22.65
C GLU C 72 27.30 -20.32 23.14
N SER C 73 27.16 -20.36 24.44
CA SER C 73 25.91 -20.01 25.05
C SER C 73 25.97 -18.62 25.66
N VAL C 74 24.78 -18.13 25.94
CA VAL C 74 24.59 -16.83 26.53
C VAL C 74 23.99 -17.04 27.89
N ARG C 75 24.59 -16.38 28.86
CA ARG C 75 24.15 -16.41 30.26
C ARG C 75 23.20 -15.25 30.41
N TRP C 76 21.97 -15.59 30.67
CA TRP C 76 20.97 -14.62 31.09
C TRP C 76 21.00 -14.75 32.58
N GLY C 77 21.35 -13.68 33.24
CA GLY C 77 21.55 -13.75 34.66
C GLY C 77 20.92 -12.63 35.41
N SER C 78 20.84 -12.90 36.71
CA SER C 78 20.85 -11.86 37.75
CA SER C 78 20.83 -11.89 37.75
C SER C 78 22.22 -12.02 38.43
N GLY C 79 22.51 -11.17 39.42
CA GLY C 79 23.62 -11.41 40.43
C GLY C 79 23.09 -12.35 41.54
N ALA C 80 21.73 -12.55 41.52
CA ALA C 80 20.94 -13.60 42.26
C ALA C 80 21.29 -15.01 41.80
N GLY C 81 21.51 -15.13 40.50
CA GLY C 81 22.22 -16.30 39.93
C GLY C 81 21.88 -16.43 38.48
N THR C 82 22.16 -17.61 37.93
CA THR C 82 21.81 -17.94 36.56
C THR C 82 20.31 -18.19 36.43
N VAL C 83 19.67 -17.37 35.61
CA VAL C 83 18.28 -17.57 35.21
C VAL C 83 18.25 -18.74 34.22
N MET C 84 19.09 -18.63 33.19
CA MET C 84 19.34 -19.74 32.30
C MET C 84 20.57 -19.48 31.47
N ASP C 85 21.07 -20.55 30.89
CA ASP C 85 22.05 -20.46 29.82
C ASP C 85 21.26 -20.83 28.59
N TYR C 86 21.53 -20.20 27.48
CA TYR C 86 20.87 -20.58 26.22
C TYR C 86 21.72 -20.39 24.99
N VAL C 87 21.32 -21.11 23.95
CA VAL C 87 21.94 -20.99 22.61
C VAL C 87 21.01 -20.14 21.76
N ALA C 88 21.50 -18.95 21.39
CA ALA C 88 20.75 -17.98 20.57
C ALA C 88 20.75 -18.39 19.11
N ASP C 89 19.62 -18.21 18.45
CA ASP C 89 19.49 -18.42 17.00
C ASP C 89 20.07 -19.76 16.55
N ALA C 90 19.65 -20.77 17.28
CA ALA C 90 20.26 -22.08 17.23
C ALA C 90 20.02 -22.74 15.85
N GLN C 91 18.88 -22.43 15.27
CA GLN C 91 18.48 -22.94 13.94
C GLN C 91 19.42 -22.54 12.80
N LEU C 92 20.23 -21.52 13.02
CA LEU C 92 21.24 -21.12 12.02
C LEU C 92 22.45 -22.06 11.99
N GLY C 93 22.91 -22.48 13.16
CA GLY C 93 24.08 -23.40 13.25
C GLY C 93 23.80 -24.88 13.04
N SER C 94 22.51 -25.23 13.05
CA SER C 94 22.04 -26.61 13.13
C SER C 94 20.75 -26.92 12.32
N ASP C 95 20.89 -27.67 11.23
CA ASP C 95 19.75 -28.15 10.38
C ASP C 95 18.70 -28.92 11.20
N THR C 96 19.17 -29.62 12.21
CA THR C 96 18.33 -30.44 13.14
C THR C 96 17.34 -29.56 13.90
N MET C 97 17.89 -28.53 14.51
CA MET C 97 17.09 -27.51 15.19
C MET C 97 16.19 -26.72 14.23
N ARG C 98 16.66 -26.45 13.01
CA ARG C 98 15.79 -25.84 12.01
C ARG C 98 14.56 -26.71 11.65
N ARG C 99 14.72 -28.03 11.69
CA ARG C 99 13.59 -28.96 11.44
C ARG C 99 12.59 -28.92 12.57
N LEU C 100 13.09 -28.82 13.79
CA LEU C 100 12.22 -28.68 14.96
C LEU C 100 11.45 -27.36 14.95
N ALA C 101 12.16 -26.29 14.65
CA ALA C 101 11.56 -24.93 14.49
C ALA C 101 10.45 -24.91 13.45
N THR C 102 10.59 -25.72 12.42
CA THR C 102 9.63 -25.83 11.31
C THR C 102 8.89 -27.16 11.30
N HIS C 103 8.84 -27.83 12.44
CA HIS C 103 8.24 -29.17 12.53
C HIS C 103 6.80 -29.11 12.03
N PRO C 104 6.39 -29.99 11.12
CA PRO C 104 5.08 -29.81 10.49
C PRO C 104 3.90 -29.69 11.41
N ARG C 105 3.93 -30.42 12.51
CA ARG C 105 2.83 -30.39 13.48
C ARG C 105 2.81 -29.17 14.37
N ILE C 106 3.96 -28.81 14.90
CA ILE C 106 4.09 -27.58 15.71
C ILE C 106 3.68 -26.38 14.89
N ALA C 107 4.16 -26.36 13.66
CA ALA C 107 3.85 -25.32 12.67
C ALA C 107 2.36 -25.22 12.36
N ALA C 108 1.72 -26.35 12.14
CA ALA C 108 0.29 -26.33 11.78
C ALA C 108 -0.56 -25.79 12.92
N LEU C 109 -0.19 -26.17 14.13
CA LEU C 109 -0.84 -25.65 15.33
C LEU C 109 -0.58 -24.16 15.48
N ALA C 110 0.67 -23.77 15.35
CA ALA C 110 1.02 -22.37 15.46
C ALA C 110 0.17 -21.52 14.52
N GLU C 111 0.11 -21.89 13.26
CA GLU C 111 -0.68 -21.11 12.27
C GLU C 111 -2.18 -21.08 12.58
N TYR C 112 -2.72 -22.17 13.08
CA TYR C 112 -4.14 -22.21 13.40
C TYR C 112 -4.46 -21.26 14.53
N LEU C 113 -3.72 -21.40 15.61
CA LEU C 113 -3.86 -20.51 16.79
C LEU C 113 -3.65 -19.03 16.50
N ALA C 114 -2.62 -18.77 15.72
CA ALA C 114 -2.28 -17.37 15.38
C ALA C 114 -3.34 -16.74 14.49
N GLY C 115 -4.02 -17.57 13.72
CA GLY C 115 -5.07 -17.12 12.82
C GLY C 115 -4.59 -16.70 11.45
N SER C 116 -3.28 -16.58 11.24
CA SER C 116 -2.73 -16.21 9.91
C SER C 116 -1.48 -17.00 9.52
N PRO C 117 -1.00 -16.87 8.26
CA PRO C 117 0.29 -17.48 7.89
C PRO C 117 1.48 -16.92 8.67
N LEU C 118 2.41 -17.79 9.04
CA LEU C 118 3.56 -17.40 9.88
C LEU C 118 4.92 -17.66 9.29
N ARG C 119 5.87 -17.00 9.91
CA ARG C 119 7.30 -17.24 9.71
C ARG C 119 8.03 -17.45 11.03
N LEU C 120 9.13 -18.16 10.95
CA LEU C 120 10.01 -18.33 12.10
C LEU C 120 10.88 -17.09 12.23
N PHE C 121 10.96 -16.57 13.43
CA PHE C 121 11.86 -15.47 13.76
C PHE C 121 13.10 -16.02 14.40
N LYS C 122 12.93 -16.80 15.44
CA LYS C 122 14.08 -17.42 16.13
C LYS C 122 13.72 -18.70 16.88
N LEU C 123 14.72 -19.54 17.09
CA LEU C 123 14.64 -20.71 17.98
C LEU C 123 15.85 -20.66 18.93
N GLU C 124 15.57 -20.93 20.19
CA GLU C 124 16.59 -20.92 21.26
C GLU C 124 16.60 -22.22 22.02
N VAL C 125 17.80 -22.69 22.35
CA VAL C 125 17.93 -23.92 23.13
C VAL C 125 18.19 -23.48 24.55
N LEU C 126 17.31 -23.90 25.46
CA LEU C 126 17.31 -23.41 26.86
C LEU C 126 17.75 -24.41 27.95
N LEU C 127 18.50 -23.88 28.93
CA LEU C 127 19.06 -24.69 30.01
C LEU C 127 18.96 -24.02 31.36
N LYS C 128 18.17 -24.60 32.23
CA LYS C 128 18.27 -24.30 33.68
C LYS C 128 18.91 -25.48 34.37
N GLU C 129 20.04 -25.23 35.02
CA GLU C 129 20.60 -26.24 35.90
C GLU C 129 21.26 -25.67 37.12
N ASN C 130 21.57 -26.55 38.07
CA ASN C 130 22.35 -26.22 39.27
C ASN C 130 23.80 -26.64 39.14
N LYS C 131 24.68 -25.65 39.17
CA LYS C 131 26.14 -25.87 39.26
C LYS C 131 26.52 -25.64 40.70
N GLU C 132 27.78 -25.92 41.02
CA GLU C 132 28.23 -25.86 42.45
C GLU C 132 28.30 -24.44 43.03
N LYS C 133 28.96 -23.52 42.35
CA LYS C 133 28.97 -22.11 42.79
C LYS C 133 27.68 -21.35 42.39
N ASP C 134 27.12 -21.77 41.27
CA ASP C 134 25.99 -21.11 40.60
C ASP C 134 24.71 -21.95 40.70
N ALA C 135 23.95 -21.67 41.74
CA ALA C 135 22.56 -22.21 41.85
C ALA C 135 21.62 -21.61 40.79
N SER C 136 20.63 -22.43 40.40
CA SER C 136 19.57 -22.04 39.46
C SER C 136 18.53 -21.19 40.17
N VAL C 137 18.15 -20.11 39.49
CA VAL C 137 17.12 -19.20 40.03
C VAL C 137 15.95 -19.15 39.08
N PRO C 138 14.81 -18.57 39.52
CA PRO C 138 13.65 -18.56 38.67
C PRO C 138 13.77 -17.57 37.53
N THR C 139 12.89 -17.74 36.55
CA THR C 139 12.68 -16.77 35.48
C THR C 139 11.61 -15.85 35.99
N ALA C 140 11.94 -14.58 36.12
CA ALA C 140 11.01 -13.61 36.69
C ALA C 140 9.86 -13.30 35.73
N PRO C 141 8.70 -12.86 36.25
CA PRO C 141 7.61 -12.63 35.36
C PRO C 141 7.94 -11.51 34.38
N HIS C 142 7.51 -11.69 33.16
CA HIS C 142 7.85 -10.80 32.11
C HIS C 142 6.82 -10.82 31.02
N HIS C 143 7.05 -9.98 30.02
CA HIS C 143 6.11 -9.63 28.96
C HIS C 143 6.93 -9.63 27.68
N ASP C 144 7.02 -10.76 26.99
CA ASP C 144 7.97 -10.92 25.83
C ASP C 144 7.77 -9.89 24.69
N ALA C 145 6.58 -9.34 24.63
CA ALA C 145 6.04 -8.78 23.40
C ALA C 145 6.81 -7.68 22.68
N PHE C 146 7.15 -6.58 23.31
CA PHE C 146 7.81 -5.52 22.49
C PHE C 146 9.32 -5.63 22.51
N ALA C 147 9.79 -6.74 23.08
CA ALA C 147 11.23 -7.16 23.00
C ALA C 147 11.58 -7.92 21.72
N PHE C 148 10.60 -8.10 20.88
CA PHE C 148 10.78 -8.74 19.59
C PHE C 148 10.90 -7.63 18.60
N PRO C 149 11.97 -7.62 17.82
CA PRO C 149 12.23 -6.45 16.94
C PRO C 149 11.55 -6.52 15.58
N PHE C 150 10.25 -6.73 15.60
CA PHE C 150 9.46 -6.75 14.38
C PHE C 150 8.07 -6.11 14.57
N SER C 151 7.51 -5.64 13.45
CA SER C 151 6.29 -4.83 13.42
C SER C 151 5.15 -5.50 14.15
N THR C 152 5.04 -6.81 14.01
CA THR C 152 3.91 -7.56 14.59
C THR C 152 4.15 -8.26 15.90
N ALA C 153 5.13 -7.77 16.61
CA ALA C 153 5.48 -8.20 17.95
C ALA C 153 4.29 -8.39 18.89
N GLY C 154 3.36 -7.47 18.85
CA GLY C 154 2.16 -7.53 19.71
C GLY C 154 1.36 -8.83 19.65
N THR C 155 1.42 -9.50 18.50
CA THR C 155 0.65 -10.76 18.25
C THR C 155 1.44 -11.98 17.88
N ALA C 156 2.72 -11.90 18.15
CA ALA C 156 3.65 -13.01 17.99
C ALA C 156 3.28 -14.13 18.91
N LEU C 157 3.75 -15.30 18.58
CA LEU C 157 3.57 -16.40 19.47
C LEU C 157 4.77 -17.29 19.56
N THR C 158 4.93 -17.81 20.76
CA THR C 158 6.07 -18.56 21.15
C THR C 158 5.64 -20.02 21.41
N ALA C 159 6.35 -20.97 20.81
CA ALA C 159 6.26 -22.44 21.16
C ALA C 159 7.44 -22.92 22.03
N TRP C 160 7.13 -23.58 23.14
CA TRP C 160 8.09 -24.00 24.15
C TRP C 160 7.93 -25.49 24.28
N VAL C 161 8.98 -26.20 23.94
CA VAL C 161 8.93 -27.66 23.75
C VAL C 161 9.84 -28.24 24.79
N ALA C 162 9.27 -29.12 25.58
CA ALA C 162 10.06 -29.87 26.57
C ALA C 162 10.73 -31.06 25.90
N LEU C 163 12.03 -31.14 26.14
CA LEU C 163 12.88 -32.27 25.70
C LEU C 163 13.19 -33.28 26.77
N VAL C 164 12.82 -32.90 27.99
CA VAL C 164 12.83 -33.78 29.16
C VAL C 164 11.55 -33.58 29.97
N ASP C 165 11.27 -34.51 30.87
CA ASP C 165 10.22 -34.28 31.85
C ASP C 165 10.52 -33.00 32.65
N VAL C 166 9.51 -32.15 32.77
CA VAL C 166 9.60 -30.89 33.51
C VAL C 166 8.45 -30.77 34.50
N PRO C 167 8.59 -31.41 35.65
CA PRO C 167 7.66 -31.14 36.69
C PRO C 167 7.95 -29.80 37.32
N VAL C 168 7.03 -29.41 38.20
CA VAL C 168 7.09 -28.09 38.86
C VAL C 168 8.49 -27.76 39.42
N GLU C 169 9.00 -28.68 40.24
CA GLU C 169 10.32 -28.52 40.93
C GLU C 169 11.56 -28.41 39.99
N ARG C 170 11.39 -28.73 38.71
CA ARG C 170 12.46 -28.65 37.72
C ARG C 170 12.39 -27.38 36.87
N GLY C 171 11.37 -26.56 37.08
CA GLY C 171 11.35 -25.17 36.56
C GLY C 171 10.37 -24.99 35.41
N CYS C 172 9.21 -25.59 35.53
CA CYS C 172 8.19 -25.40 34.50
C CYS C 172 7.62 -23.99 34.56
N MET C 173 6.83 -23.65 33.55
CA MET C 173 6.33 -22.29 33.45
C MET C 173 5.08 -22.08 34.23
N THR C 174 4.80 -20.82 34.49
CA THR C 174 3.56 -20.40 35.11
C THR C 174 3.06 -19.28 34.23
N PHE C 175 1.78 -19.33 33.86
CA PHE C 175 1.21 -18.29 33.04
C PHE C 175 0.10 -17.61 33.80
N VAL C 176 -0.13 -16.36 33.46
CA VAL C 176 -1.34 -15.64 33.94
C VAL C 176 -2.45 -15.62 32.87
N PRO C 177 -3.44 -16.51 32.95
CA PRO C 177 -4.45 -16.51 31.97
C PRO C 177 -5.19 -15.21 31.92
N GLY C 178 -5.41 -14.77 30.72
CA GLY C 178 -6.16 -13.56 30.50
C GLY C 178 -5.34 -12.33 30.32
N SER C 179 -4.06 -12.45 30.67
CA SER C 179 -3.18 -11.28 30.86
C SER C 179 -2.80 -10.64 29.54
N HIS C 180 -2.96 -11.42 28.49
CA HIS C 180 -2.77 -10.96 27.09
C HIS C 180 -3.82 -10.01 26.57
N LEU C 181 -4.88 -9.87 27.35
CA LEU C 181 -5.98 -8.96 27.05
C LEU C 181 -5.88 -7.60 27.68
N LEU C 182 -4.93 -7.51 28.59
CA LEU C 182 -4.75 -6.27 29.34
C LEU C 182 -4.08 -5.31 28.45
N PRO C 183 -4.30 -4.01 28.70
CA PRO C 183 -3.48 -3.03 28.02
C PRO C 183 -1.99 -3.24 28.27
N ASP C 184 -1.18 -2.81 27.35
CA ASP C 184 0.25 -2.99 27.51
C ASP C 184 0.72 -2.17 28.66
N PRO C 185 1.88 -2.48 29.19
CA PRO C 185 2.42 -1.69 30.27
C PRO C 185 3.14 -0.48 29.74
N ASP C 186 3.37 0.48 30.63
CA ASP C 186 4.09 1.74 30.33
C ASP C 186 5.44 1.37 29.77
N THR C 187 5.60 1.59 28.46
CA THR C 187 6.85 1.24 27.75
C THR C 187 7.86 2.24 28.31
N GLY C 188 8.57 1.77 29.33
CA GLY C 188 9.68 2.47 29.92
C GLY C 188 10.96 1.94 29.29
N ASP C 189 11.94 1.67 30.13
CA ASP C 189 13.34 1.46 29.65
C ASP C 189 13.60 0.12 29.02
N GLU C 190 12.75 -0.84 29.32
CA GLU C 190 13.05 -2.21 28.99
C GLU C 190 11.86 -2.87 28.38
N PRO C 191 11.95 -3.23 27.09
CA PRO C 191 10.79 -3.75 26.32
C PRO C 191 10.01 -4.99 26.85
N TRP C 192 10.68 -5.80 27.69
CA TRP C 192 10.09 -6.97 28.40
C TRP C 192 9.38 -6.64 29.72
N ALA C 193 9.60 -5.43 30.21
CA ALA C 193 9.18 -5.01 31.58
C ALA C 193 7.68 -4.82 31.68
N GLY C 194 7.20 -4.68 32.90
CA GLY C 194 5.81 -4.28 33.16
C GLY C 194 4.88 -5.35 33.70
N ALA C 195 5.35 -6.59 33.65
CA ALA C 195 4.64 -7.70 34.36
C ALA C 195 4.21 -7.23 35.76
N PHE C 196 2.95 -7.45 36.05
CA PHE C 196 2.32 -7.14 37.36
C PHE C 196 2.31 -5.67 37.77
N THR C 197 2.28 -4.81 36.78
CA THR C 197 2.10 -3.34 36.99
C THR C 197 0.72 -2.77 36.68
N ARG C 198 -0.13 -3.51 36.00
CA ARG C 198 -1.43 -2.94 35.63
C ARG C 198 -2.45 -3.02 36.76
N PRO C 199 -3.43 -2.09 36.78
CA PRO C 199 -4.37 -2.14 37.91
C PRO C 199 -5.07 -3.53 38.03
N GLY C 200 -5.27 -3.97 39.26
CA GLY C 200 -5.86 -5.31 39.53
C GLY C 200 -5.08 -6.54 39.08
N GLU C 201 -3.88 -6.35 38.55
CA GLU C 201 -3.17 -7.46 37.86
C GLU C 201 -2.66 -8.48 38.87
N ILE C 202 -2.27 -8.02 40.03
CA ILE C 202 -1.70 -8.92 41.06
C ILE C 202 -2.73 -9.83 41.72
N TRP C 203 -3.99 -9.54 41.42
CA TRP C 203 -5.12 -10.34 41.91
C TRP C 203 -5.59 -11.42 40.97
N MET C 204 -5.03 -11.45 39.78
CA MET C 204 -5.37 -12.47 38.79
C MET C 204 -4.73 -13.82 39.16
N PRO C 205 -5.48 -14.94 38.98
CA PRO C 205 -4.88 -16.19 39.26
C PRO C 205 -3.80 -16.58 38.29
N ARG C 206 -2.99 -17.52 38.74
CA ARG C 206 -1.91 -18.01 37.95
C ARG C 206 -1.83 -19.48 37.84
N VAL C 207 -1.41 -19.93 36.69
CA VAL C 207 -1.47 -21.34 36.38
C VAL C 207 -0.10 -21.88 36.10
N THR C 208 0.24 -22.90 36.85
CA THR C 208 1.50 -23.57 36.73
C THR C 208 1.27 -24.84 35.94
N VAL C 209 2.13 -25.03 34.97
CA VAL C 209 1.92 -26.03 33.94
C VAL C 209 3.12 -26.99 33.73
N PRO C 210 3.12 -28.07 34.47
CA PRO C 210 4.16 -29.00 34.25
C PRO C 210 3.93 -29.71 32.92
N LEU C 211 5.02 -30.16 32.36
CA LEU C 211 5.05 -30.85 31.05
C LEU C 211 5.89 -32.08 31.04
N ARG C 212 5.41 -33.01 30.23
CA ARG C 212 6.15 -34.25 29.98
C ARG C 212 6.98 -34.02 28.73
N ALA C 213 8.12 -34.69 28.67
CA ALA C 213 8.93 -34.68 27.46
C ALA C 213 8.14 -34.95 26.18
N GLY C 214 8.37 -34.07 25.23
CA GLY C 214 7.67 -34.05 23.95
C GLY C 214 6.35 -33.31 23.96
N ASP C 215 5.95 -32.82 25.14
CA ASP C 215 4.82 -31.90 25.25
C ASP C 215 5.32 -30.51 24.89
N CYS C 216 4.39 -29.65 24.45
CA CYS C 216 4.72 -28.24 24.25
C CYS C 216 3.63 -27.30 24.73
N THR C 217 3.99 -26.06 24.99
CA THR C 217 3.02 -24.98 25.22
C THR C 217 3.15 -23.94 24.18
N PHE C 218 2.04 -23.37 23.80
CA PHE C 218 2.06 -22.15 22.99
C PHE C 218 1.60 -20.97 23.78
N HIS C 219 2.31 -19.84 23.69
CA HIS C 219 1.81 -18.64 24.38
C HIS C 219 2.00 -17.37 23.63
N HIS C 220 1.04 -16.51 23.87
CA HIS C 220 0.83 -15.29 23.10
C HIS C 220 1.83 -14.28 23.63
N ALA C 221 2.34 -13.43 22.76
CA ALA C 221 3.44 -12.50 23.11
C ALA C 221 3.13 -11.65 24.35
N ARG C 222 1.90 -11.17 24.42
CA ARG C 222 1.40 -10.38 25.57
C ARG C 222 1.00 -11.15 26.83
N THR C 223 1.10 -12.46 26.82
CA THR C 223 0.77 -13.23 28.00
C THR C 223 1.91 -13.14 29.00
N VAL C 224 1.55 -12.79 30.23
CA VAL C 224 2.52 -12.70 31.30
C VAL C 224 2.83 -14.09 31.73
N HIS C 225 4.12 -14.36 31.86
CA HIS C 225 4.54 -15.68 32.31
C HIS C 225 5.86 -15.65 33.01
N SER C 226 6.15 -16.73 33.71
CA SER C 226 7.31 -16.86 34.57
C SER C 226 7.71 -18.30 34.57
N ALA C 227 8.78 -18.59 35.25
CA ALA C 227 9.18 -19.98 35.52
C ALA C 227 9.87 -20.10 36.85
N GLY C 228 9.75 -21.28 37.42
CA GLY C 228 10.41 -21.61 38.66
C GLY C 228 11.89 -21.91 38.45
N ALA C 229 12.59 -21.93 39.58
CA ALA C 229 13.98 -22.38 39.60
C ALA C 229 14.01 -23.90 39.45
N ASN C 230 15.09 -24.39 38.87
CA ASN C 230 15.30 -25.83 38.82
C ASN C 230 15.95 -26.13 40.14
N SER C 231 15.17 -26.69 41.06
CA SER C 231 15.71 -27.18 42.32
C SER C 231 15.96 -28.70 42.33
N THR C 232 16.28 -29.27 41.17
CA THR C 232 16.62 -30.70 41.06
C THR C 232 17.95 -30.91 40.35
N ASP C 233 18.59 -32.01 40.67
CA ASP C 233 19.94 -32.31 40.11
C ASP C 233 19.88 -32.82 38.64
N GLU C 234 18.69 -32.84 38.04
CA GLU C 234 18.60 -33.13 36.60
C GLU C 234 18.24 -31.90 35.81
N PRO C 235 19.00 -31.63 34.75
CA PRO C 235 18.85 -30.35 34.07
C PRO C 235 17.58 -30.19 33.32
N ARG C 236 17.14 -28.96 33.25
CA ARG C 236 15.93 -28.60 32.49
C ARG C 236 16.29 -28.18 31.06
N LEU C 237 15.85 -28.99 30.10
CA LEU C 237 16.18 -28.77 28.69
C LEU C 237 14.95 -28.63 27.89
N SER C 238 14.90 -27.54 27.14
CA SER C 238 13.73 -27.12 26.33
C SER C 238 14.16 -26.32 25.11
N THR C 239 13.27 -26.20 24.12
CA THR C 239 13.45 -25.19 23.06
C THR C 239 12.32 -24.21 23.09
N SER C 240 12.66 -22.96 22.79
CA SER C 240 11.69 -21.86 22.68
C SER C 240 11.77 -21.25 21.29
N ALA C 241 10.69 -21.36 20.55
CA ALA C 241 10.65 -20.87 19.18
C ALA C 241 9.66 -19.73 19.10
N VAL C 242 10.12 -18.59 18.62
CA VAL C 242 9.26 -17.42 18.36
C VAL C 242 8.77 -17.39 16.88
N TYR C 243 7.48 -17.61 16.68
CA TYR C 243 6.82 -17.43 15.37
C TYR C 243 6.21 -16.04 15.24
N MET C 244 6.14 -15.58 14.00
CA MET C 244 5.74 -14.18 13.68
C MET C 244 4.93 -14.14 12.41
N ASP C 245 4.10 -13.13 12.29
CA ASP C 245 3.23 -12.95 11.12
C ASP C 245 4.13 -12.96 9.88
N ALA C 246 3.63 -13.58 8.84
CA ALA C 246 4.44 -13.77 7.60
C ALA C 246 4.90 -12.49 6.91
N THR C 247 4.18 -11.41 7.15
CA THR C 247 4.44 -10.09 6.50
C THR C 247 5.16 -9.12 7.42
N ALA C 248 5.66 -9.64 8.51
CA ALA C 248 6.38 -8.83 9.48
C ALA C 248 7.64 -8.19 8.91
N ALA C 249 8.01 -7.12 9.56
CA ALA C 249 9.08 -6.26 9.12
C ALA C 249 9.87 -5.77 10.32
N TYR C 250 11.10 -5.37 10.06
CA TYR C 250 12.02 -5.00 11.11
C TYR C 250 11.55 -3.78 11.91
N ARG C 251 11.70 -3.85 13.22
CA ARG C 251 11.29 -2.77 14.11
C ARG C 251 12.26 -2.74 15.28
N PRO C 252 13.30 -1.91 15.20
CA PRO C 252 14.27 -1.94 16.29
C PRO C 252 13.62 -1.58 17.62
N THR C 253 14.03 -2.32 18.66
CA THR C 253 13.60 -2.10 20.05
C THR C 253 14.38 -1.02 20.75
N GLY C 254 15.57 -0.73 20.24
CA GLY C 254 16.53 0.17 20.91
C GLY C 254 17.62 -0.52 21.73
N ILE C 255 17.34 -1.71 22.23
CA ILE C 255 18.31 -2.52 22.94
C ILE C 255 19.17 -3.25 21.91
N ALA C 256 20.47 -2.96 21.91
CA ALA C 256 21.41 -3.48 20.90
C ALA C 256 21.42 -5.02 20.77
N PHE C 257 21.49 -5.72 21.88
CA PHE C 257 21.62 -7.20 21.80
C PHE C 257 20.33 -7.86 21.29
N LEU C 258 19.19 -7.18 21.42
CA LEU C 258 17.90 -7.64 20.81
C LEU C 258 17.76 -7.34 19.33
N ASP C 259 18.30 -6.21 18.94
CA ASP C 259 18.18 -5.70 17.59
C ASP C 259 19.13 -6.30 16.60
N ASP C 260 20.30 -6.70 17.09
CA ASP C 260 21.42 -7.15 16.21
C ASP C 260 21.14 -8.62 15.85
N LEU C 261 20.71 -8.82 14.60
CA LEU C 261 20.29 -10.16 14.15
C LEU C 261 21.36 -10.84 13.30
N PRO C 262 21.85 -12.03 13.75
CA PRO C 262 22.84 -12.71 12.94
C PRO C 262 22.26 -13.36 11.67
N GLY C 263 23.13 -13.54 10.71
CA GLY C 263 22.77 -14.14 9.40
C GLY C 263 21.79 -13.33 8.58
N THR C 264 21.92 -12.01 8.66
CA THR C 264 21.12 -11.07 7.84
C THR C 264 21.96 -10.17 6.93
N GLY C 265 23.26 -10.46 6.85
CA GLY C 265 24.25 -9.60 6.14
C GLY C 265 25.11 -8.76 7.05
N ALA C 266 26.21 -8.22 6.50
CA ALA C 266 27.16 -7.36 7.27
C ALA C 266 26.46 -6.11 7.80
N ASP C 267 25.80 -5.41 6.89
CA ASP C 267 25.09 -4.14 7.18
C ASP C 267 23.88 -4.29 8.19
N PRO C 268 23.73 -3.34 9.14
CA PRO C 268 22.51 -3.38 9.98
C PRO C 268 21.23 -3.20 9.16
N LEU C 269 20.16 -3.76 9.66
CA LEU C 269 18.87 -3.69 8.97
C LEU C 269 18.19 -2.38 9.21
N ARG C 270 17.59 -1.85 8.16
CA ARG C 270 16.83 -0.63 8.34
C ARG C 270 15.37 -0.94 8.75
N GLU C 271 14.80 0.00 9.49
CA GLU C 271 13.42 -0.07 9.95
C GLU C 271 12.50 -0.21 8.77
N GLY C 272 11.51 -1.10 8.92
CA GLY C 272 10.47 -1.36 7.91
C GLY C 272 10.84 -2.36 6.82
N ALA C 273 12.10 -2.81 6.84
CA ALA C 273 12.60 -3.86 5.94
C ALA C 273 11.87 -5.19 6.18
N PRO C 274 11.51 -5.93 5.13
CA PRO C 274 10.80 -7.14 5.41
C PRO C 274 11.75 -8.23 5.86
N LEU C 275 11.25 -9.10 6.71
CA LEU C 275 11.94 -10.30 7.19
C LEU C 275 11.47 -11.50 6.40
N THR C 276 12.27 -11.89 5.41
CA THR C 276 11.87 -12.99 4.48
C THR C 276 13.05 -13.91 4.07
N GLY C 277 12.73 -14.91 3.25
CA GLY C 277 13.74 -15.86 2.75
C GLY C 277 14.02 -16.95 3.74
N ASP C 278 15.08 -17.70 3.50
CA ASP C 278 15.44 -18.84 4.36
C ASP C 278 15.83 -18.45 5.78
N ARG C 279 16.29 -17.22 5.93
CA ARG C 279 16.68 -16.72 7.23
C ARG C 279 15.47 -16.65 8.19
N PHE C 280 14.33 -16.23 7.64
CA PHE C 280 13.04 -16.11 8.35
C PHE C 280 11.99 -16.91 7.60
N PRO C 281 12.12 -18.23 7.61
CA PRO C 281 11.35 -19.08 6.70
C PRO C 281 9.86 -19.17 6.98
N LEU C 282 9.11 -19.24 5.90
CA LEU C 282 7.66 -19.49 5.96
C LEU C 282 7.41 -20.80 6.64
N LEU C 283 6.27 -20.94 7.27
CA LEU C 283 5.95 -22.18 8.02
C LEU C 283 5.21 -23.20 7.16
N ARG C 284 4.33 -22.70 6.29
CA ARG C 284 3.55 -23.53 5.36
C ARG C 284 3.99 -23.26 3.91
N ARG C 285 3.50 -24.10 2.98
CA ARG C 285 3.72 -23.95 1.53
C ARG C 285 2.41 -23.82 0.77
N SER D 28 18.93 -8.41 -29.78
CA SER D 28 20.05 -8.56 -30.76
C SER D 28 21.46 -8.16 -30.11
N ASP D 29 22.08 -7.11 -30.66
CA ASP D 29 23.27 -6.31 -30.20
C ASP D 29 22.87 -5.28 -29.11
N PRO D 30 23.65 -5.12 -28.00
CA PRO D 30 23.22 -4.17 -26.93
C PRO D 30 23.10 -2.69 -27.36
N ALA D 31 24.17 -2.15 -27.89
CA ALA D 31 24.23 -0.73 -28.35
C ALA D 31 23.11 -0.35 -29.39
N ALA D 32 22.80 -1.30 -30.28
CA ALA D 32 21.73 -1.17 -31.32
C ALA D 32 20.32 -1.15 -30.74
N LEU D 33 20.07 -2.13 -29.89
CA LEU D 33 18.88 -2.17 -29.07
C LEU D 33 18.61 -0.85 -28.33
N GLU D 34 19.64 -0.23 -27.80
CA GLU D 34 19.48 1.07 -27.10
C GLU D 34 19.09 2.23 -28.05
N ARG D 35 19.70 2.28 -29.24
CA ARG D 35 19.30 3.22 -30.33
C ARG D 35 17.82 3.08 -30.69
N LEU D 36 17.36 1.85 -30.66
CA LEU D 36 15.97 1.55 -30.90
C LEU D 36 15.03 2.12 -29.84
N ALA D 37 15.40 2.00 -28.59
CA ALA D 37 14.59 2.55 -27.50
C ALA D 37 14.62 4.06 -27.49
N ALA D 38 15.74 4.63 -27.89
CA ALA D 38 15.84 6.10 -28.08
C ALA D 38 14.80 6.55 -29.12
N ARG D 39 14.75 5.86 -30.25
CA ARG D 39 13.75 6.16 -31.33
C ARG D 39 12.34 6.06 -30.82
N TYR D 40 12.04 4.98 -30.12
CA TYR D 40 10.73 4.79 -29.46
C TYR D 40 10.38 5.90 -28.50
N ARG D 41 11.30 6.32 -27.67
CA ARG D 41 11.01 7.39 -26.68
C ARG D 41 10.81 8.76 -27.38
N ARG D 42 11.57 8.99 -28.43
CA ARG D 42 11.52 10.29 -29.12
C ARG D 42 10.22 10.39 -29.89
N ASP D 43 9.95 9.35 -30.66
CA ASP D 43 8.79 9.30 -31.60
C ASP D 43 7.49 8.62 -31.12
N GLY D 44 7.59 7.75 -30.15
CA GLY D 44 6.42 6.98 -29.71
C GLY D 44 6.01 5.84 -30.63
N TYR D 45 6.86 5.55 -31.59
CA TYR D 45 6.75 4.30 -32.35
C TYR D 45 8.12 3.95 -32.91
N VAL D 46 8.25 2.71 -33.31
CA VAL D 46 9.48 2.26 -33.91
C VAL D 46 9.20 1.10 -34.83
N HIS D 47 9.97 1.01 -35.91
CA HIS D 47 9.80 -0.04 -36.92
C HIS D 47 10.94 -0.98 -36.81
N VAL D 48 10.62 -2.26 -36.69
CA VAL D 48 11.63 -3.31 -36.63
C VAL D 48 11.52 -4.31 -37.76
N PRO D 49 12.52 -4.32 -38.64
CA PRO D 49 12.43 -5.27 -39.73
C PRO D 49 12.78 -6.70 -39.36
N GLY D 50 12.05 -7.59 -40.01
CA GLY D 50 12.33 -9.03 -40.05
C GLY D 50 12.31 -9.64 -38.67
N VAL D 51 11.27 -9.32 -37.92
CA VAL D 51 11.19 -9.79 -36.55
C VAL D 51 10.82 -11.28 -36.54
N LEU D 52 10.13 -11.68 -37.59
CA LEU D 52 9.85 -13.09 -37.91
C LEU D 52 10.59 -13.54 -39.15
N ASP D 53 11.13 -14.74 -39.08
CA ASP D 53 11.75 -15.42 -40.25
C ASP D 53 10.64 -15.87 -41.24
N ALA D 54 11.06 -16.30 -42.42
CA ALA D 54 10.12 -16.49 -43.57
C ALA D 54 9.06 -17.58 -43.33
N GLY D 55 9.51 -18.68 -42.74
CA GLY D 55 8.66 -19.81 -42.36
C GLY D 55 7.73 -19.53 -41.20
N GLU D 56 8.20 -18.80 -40.21
CA GLU D 56 7.29 -18.24 -39.19
C GLU D 56 6.10 -17.42 -39.80
N VAL D 57 6.39 -16.60 -40.80
CA VAL D 57 5.34 -15.80 -41.50
C VAL D 57 4.30 -16.70 -42.13
N ALA D 58 4.77 -17.61 -42.95
CA ALA D 58 3.90 -18.60 -43.60
C ALA D 58 3.00 -19.34 -42.59
N GLU D 59 3.58 -19.64 -41.43
CA GLU D 59 2.91 -20.38 -40.34
C GLU D 59 1.78 -19.58 -39.72
N TYR D 60 2.13 -18.37 -39.33
CA TYR D 60 1.15 -17.48 -38.64
C TYR D 60 0.11 -16.95 -39.63
N LEU D 61 0.55 -16.78 -40.88
CA LEU D 61 -0.33 -16.34 -41.97
C LEU D 61 -1.42 -17.37 -42.24
N ALA D 62 -1.01 -18.61 -42.32
CA ALA D 62 -1.94 -19.72 -42.61
C ALA D 62 -3.01 -19.86 -41.52
N GLU D 63 -2.57 -19.61 -40.29
CA GLU D 63 -3.43 -19.67 -39.07
C GLU D 63 -4.41 -18.46 -38.95
N ALA D 64 -3.90 -17.26 -39.22
CA ALA D 64 -4.74 -16.05 -39.38
C ALA D 64 -5.89 -16.22 -40.36
N ARG D 65 -5.57 -16.78 -41.52
CA ARG D 65 -6.58 -17.10 -42.58
C ARG D 65 -7.65 -18.10 -42.16
N ARG D 66 -7.21 -19.12 -41.44
CA ARG D 66 -8.07 -20.20 -40.95
C ARG D 66 -9.06 -19.63 -39.93
N LEU D 67 -8.54 -18.83 -39.02
CA LEU D 67 -9.37 -18.14 -38.00
C LEU D 67 -10.41 -17.21 -38.62
N LEU D 68 -9.98 -16.43 -39.60
CA LEU D 68 -10.88 -15.52 -40.35
C LEU D 68 -11.95 -16.20 -41.19
N ALA D 69 -11.78 -17.48 -41.49
CA ALA D 69 -12.81 -18.28 -42.22
C ALA D 69 -13.73 -19.10 -41.31
N HIS D 70 -13.20 -19.53 -40.15
CA HIS D 70 -13.88 -20.53 -39.27
C HIS D 70 -14.45 -19.92 -37.99
N GLU D 71 -13.67 -19.08 -37.33
CA GLU D 71 -14.14 -18.30 -36.16
C GLU D 71 -15.11 -17.17 -36.57
N GLU D 72 -15.63 -16.52 -35.54
CA GLU D 72 -16.50 -15.34 -35.67
C GLU D 72 -15.67 -14.11 -35.58
N SER D 73 -15.82 -13.26 -36.58
CA SER D 73 -15.11 -11.99 -36.60
C SER D 73 -16.05 -10.87 -36.22
N VAL D 74 -15.41 -9.75 -35.90
CA VAL D 74 -16.10 -8.54 -35.49
C VAL D 74 -15.83 -7.52 -36.57
N ARG D 75 -16.91 -6.90 -37.02
CA ARG D 75 -16.87 -5.85 -38.02
C ARG D 75 -16.74 -4.54 -37.26
N TRP D 76 -15.63 -3.90 -37.45
CA TRP D 76 -15.45 -2.53 -37.00
C TRP D 76 -15.77 -1.75 -38.24
N GLY D 77 -16.80 -0.94 -38.16
CA GLY D 77 -17.27 -0.23 -39.32
C GLY D 77 -17.54 1.23 -39.10
N SER D 78 -17.64 1.91 -40.23
CA SER D 78 -18.49 3.09 -40.41
C SER D 78 -19.72 2.61 -41.27
N GLY D 79 -20.67 3.50 -41.56
CA GLY D 79 -21.64 3.36 -42.73
C GLY D 79 -20.99 3.82 -44.06
N ALA D 80 -19.79 4.47 -43.92
CA ALA D 80 -18.73 4.71 -44.99
C ALA D 80 -18.15 3.42 -45.57
N GLY D 81 -17.93 2.45 -44.69
CA GLY D 81 -17.69 1.05 -45.08
C GLY D 81 -16.98 0.30 -43.97
N THR D 82 -16.43 -0.85 -44.32
CA THR D 82 -15.64 -1.66 -43.37
C THR D 82 -14.27 -1.04 -43.15
N VAL D 83 -14.00 -0.71 -41.89
CA VAL D 83 -12.68 -0.28 -41.44
C VAL D 83 -11.78 -1.52 -41.40
N MET D 84 -12.27 -2.52 -40.73
CA MET D 84 -11.65 -3.84 -40.76
C MET D 84 -12.59 -4.87 -40.19
N ASP D 85 -12.27 -6.11 -40.49
CA ASP D 85 -12.86 -7.23 -39.80
C ASP D 85 -11.72 -7.72 -38.92
N TYR D 86 -12.02 -8.18 -37.73
CA TYR D 86 -10.99 -8.80 -36.88
C TYR D 86 -11.51 -9.93 -36.00
N VAL D 87 -10.56 -10.76 -35.56
CA VAL D 87 -10.82 -11.84 -34.58
C VAL D 87 -10.32 -11.37 -33.22
N ALA D 88 -11.25 -11.17 -32.28
CA ALA D 88 -10.94 -10.64 -30.95
C ALA D 88 -10.38 -11.74 -30.08
N ASP D 89 -9.40 -11.39 -29.26
CA ASP D 89 -8.85 -12.30 -28.25
C ASP D 89 -8.51 -13.67 -28.87
N ALA D 90 -7.80 -13.57 -29.95
CA ALA D 90 -7.55 -14.69 -30.83
C ALA D 90 -6.67 -15.74 -30.15
N GLN D 91 -5.75 -15.27 -29.31
CA GLN D 91 -4.85 -16.14 -28.50
C GLN D 91 -5.58 -17.15 -27.58
N LEU D 92 -6.84 -16.90 -27.27
CA LEU D 92 -7.64 -17.83 -26.45
C LEU D 92 -8.07 -19.05 -27.20
N GLY D 93 -8.50 -18.86 -28.43
CA GLY D 93 -8.96 -19.97 -29.29
C GLY D 93 -7.88 -20.78 -29.98
N SER D 94 -6.66 -20.25 -29.97
CA SER D 94 -5.56 -20.74 -30.80
C SER D 94 -4.16 -20.69 -30.15
N ASP D 95 -3.60 -21.86 -29.84
CA ASP D 95 -2.22 -22.00 -29.25
C ASP D 95 -1.15 -21.37 -30.13
N THR D 96 -1.39 -21.41 -31.43
CA THR D 96 -0.48 -20.85 -32.48
C THR D 96 -0.36 -19.32 -32.33
N MET D 97 -1.51 -18.69 -32.26
CA MET D 97 -1.57 -17.24 -32.00
C MET D 97 -1.04 -16.86 -30.62
N ARG D 98 -1.28 -17.69 -29.62
CA ARG D 98 -0.67 -17.45 -28.30
C ARG D 98 0.88 -17.47 -28.33
N ARG D 99 1.46 -18.28 -29.22
CA ARG D 99 2.93 -18.34 -29.39
C ARG D 99 3.44 -17.08 -30.02
N LEU D 100 2.69 -16.57 -30.99
CA LEU D 100 3.03 -15.30 -31.64
C LEU D 100 2.95 -14.12 -30.68
N ALA D 101 1.86 -14.07 -29.92
CA ALA D 101 1.65 -13.05 -28.86
C ALA D 101 2.78 -13.04 -27.84
N THR D 102 3.35 -14.20 -27.58
CA THR D 102 4.44 -14.38 -26.60
C THR D 102 5.78 -14.76 -27.26
N HIS D 103 5.89 -14.46 -28.54
CA HIS D 103 7.08 -14.82 -29.33
C HIS D 103 8.33 -14.26 -28.62
N PRO D 104 9.34 -15.09 -28.37
CA PRO D 104 10.47 -14.63 -27.53
C PRO D 104 11.14 -13.34 -27.95
N ARG D 105 11.24 -13.13 -29.26
CA ARG D 105 11.89 -11.93 -29.78
C ARG D 105 11.02 -10.66 -29.69
N ILE D 106 9.76 -10.78 -30.08
CA ILE D 106 8.81 -9.65 -29.98
C ILE D 106 8.70 -9.23 -28.54
N ALA D 107 8.58 -10.22 -27.68
CA ALA D 107 8.51 -10.04 -26.21
C ALA D 107 9.70 -9.32 -25.64
N ALA D 108 10.90 -9.73 -26.05
CA ALA D 108 12.14 -9.14 -25.50
C ALA D 108 12.24 -7.68 -25.88
N LEU D 109 11.87 -7.40 -27.12
CA LEU D 109 11.83 -6.02 -27.59
C LEU D 109 10.80 -5.22 -26.84
N ALA D 110 9.61 -5.77 -26.76
CA ALA D 110 8.51 -5.10 -26.03
C ALA D 110 8.98 -4.69 -24.60
N GLU D 111 9.54 -5.62 -23.85
CA GLU D 111 10.00 -5.33 -22.46
C GLU D 111 11.13 -4.30 -22.39
N TYR D 112 12.02 -4.33 -23.36
CA TYR D 112 13.12 -3.37 -23.40
C TYR D 112 12.57 -1.96 -23.64
N LEU D 113 11.79 -1.80 -24.68
CA LEU D 113 11.19 -0.50 -24.99
C LEU D 113 10.32 0.05 -23.91
N ALA D 114 9.54 -0.82 -23.33
CA ALA D 114 8.59 -0.38 -22.29
C ALA D 114 9.29 0.05 -21.04
N GLY D 115 10.46 -0.54 -20.82
CA GLY D 115 11.27 -0.23 -19.65
C GLY D 115 10.96 -1.08 -18.43
N SER D 116 9.88 -1.86 -18.44
CA SER D 116 9.52 -2.71 -17.29
C SER D 116 9.00 -4.11 -17.71
N PRO D 117 8.85 -5.06 -16.74
CA PRO D 117 8.24 -6.36 -17.08
C PRO D 117 6.81 -6.22 -17.59
N LEU D 118 6.45 -7.00 -18.60
CA LEU D 118 5.13 -6.97 -19.18
C LEU D 118 4.32 -8.26 -19.16
N ARG D 119 3.05 -8.06 -19.44
CA ARG D 119 2.06 -9.11 -19.67
C ARG D 119 1.29 -8.86 -20.94
N LEU D 120 0.82 -9.94 -21.53
CA LEU D 120 -0.08 -9.85 -22.67
C LEU D 120 -1.49 -9.54 -22.17
N PHE D 121 -2.11 -8.56 -22.79
CA PHE D 121 -3.51 -8.23 -22.54
C PHE D 121 -4.36 -8.88 -23.59
N LYS D 122 -4.04 -8.62 -24.84
CA LYS D 122 -4.80 -9.20 -25.96
C LYS D 122 -3.99 -9.30 -27.24
N LEU D 123 -4.41 -10.22 -28.09
CA LEU D 123 -3.93 -10.31 -29.48
C LEU D 123 -5.16 -10.38 -30.40
N GLU D 124 -5.10 -9.62 -31.49
CA GLU D 124 -6.19 -9.55 -32.49
C GLU D 124 -5.68 -9.86 -33.88
N VAL D 125 -6.47 -10.61 -34.64
CA VAL D 125 -6.09 -10.92 -36.02
C VAL D 125 -6.88 -9.99 -36.92
N LEU D 126 -6.17 -9.18 -37.71
CA LEU D 126 -6.75 -8.04 -38.48
C LEU D 126 -6.83 -8.20 -40.00
N LEU D 127 -7.95 -7.74 -40.54
CA LEU D 127 -8.25 -7.89 -41.98
C LEU D 127 -8.85 -6.63 -42.62
N LYS D 128 -8.09 -5.99 -43.49
CA LYS D 128 -8.67 -5.02 -44.43
C LYS D 128 -8.70 -5.64 -45.79
N GLU D 129 -9.90 -5.76 -46.36
CA GLU D 129 -10.06 -6.15 -47.75
C GLU D 129 -11.23 -5.47 -48.44
N ASN D 130 -11.21 -5.57 -49.75
CA ASN D 130 -12.31 -5.11 -50.61
C ASN D 130 -13.25 -6.27 -51.03
N LYS D 131 -14.50 -6.19 -50.59
CA LYS D 131 -15.59 -7.08 -51.06
C LYS D 131 -16.41 -6.31 -52.08
N GLU D 132 -17.38 -6.98 -52.70
CA GLU D 132 -18.15 -6.36 -53.80
C GLU D 132 -19.06 -5.19 -53.35
N LYS D 133 -19.89 -5.40 -52.34
CA LYS D 133 -20.76 -4.32 -51.79
C LYS D 133 -19.97 -3.38 -50.91
N ASP D 134 -19.03 -4.00 -50.21
CA ASP D 134 -18.32 -3.42 -49.11
C ASP D 134 -16.87 -3.14 -49.50
N ALA D 135 -16.64 -1.92 -50.00
CA ALA D 135 -15.27 -1.39 -50.18
C ALA D 135 -14.56 -1.18 -48.82
N SER D 136 -13.24 -1.33 -48.86
CA SER D 136 -12.37 -1.04 -47.70
C SER D 136 -12.17 0.46 -47.52
N VAL D 137 -12.29 0.90 -46.28
CA VAL D 137 -12.06 2.31 -45.93
C VAL D 137 -10.89 2.43 -44.93
N PRO D 138 -10.39 3.66 -44.70
CA PRO D 138 -9.25 3.80 -43.84
C PRO D 138 -9.62 3.61 -42.38
N THR D 139 -8.59 3.44 -41.58
CA THR D 139 -8.66 3.50 -40.11
C THR D 139 -8.41 4.95 -39.76
N ALA D 140 -9.41 5.59 -39.18
CA ALA D 140 -9.29 7.00 -38.86
C ALA D 140 -8.28 7.22 -37.70
N PRO D 141 -7.70 8.43 -37.61
CA PRO D 141 -6.78 8.63 -36.56
C PRO D 141 -7.44 8.47 -35.18
N HIS D 142 -6.70 7.86 -34.28
CA HIS D 142 -7.20 7.58 -32.97
C HIS D 142 -6.07 7.50 -31.95
N HIS D 143 -6.47 7.27 -30.70
CA HIS D 143 -5.64 7.37 -29.50
C HIS D 143 -6.03 6.15 -28.67
N ASP D 144 -5.31 5.05 -28.85
CA ASP D 144 -5.70 3.73 -28.26
C ASP D 144 -5.82 3.72 -26.69
N ALA D 145 -5.13 4.65 -26.07
CA ALA D 145 -4.73 4.51 -24.66
C ALA D 145 -5.81 4.29 -23.65
N PHE D 146 -6.80 5.15 -23.52
CA PHE D 146 -7.73 4.94 -22.38
C PHE D 146 -8.93 4.07 -22.76
N ALA D 147 -8.85 3.52 -23.98
CA ALA D 147 -9.71 2.40 -24.42
C ALA D 147 -9.25 1.02 -23.99
N PHE D 148 -8.17 0.98 -23.24
CA PHE D 148 -7.68 -0.26 -22.65
C PHE D 148 -8.19 -0.29 -21.24
N PRO D 149 -8.89 -1.35 -20.84
CA PRO D 149 -9.50 -1.36 -19.51
C PRO D 149 -8.59 -1.85 -18.39
N PHE D 150 -7.45 -1.22 -18.29
CA PHE D 150 -6.51 -1.48 -17.19
C PHE D 150 -5.78 -0.21 -16.67
N SER D 151 -5.32 -0.30 -15.41
CA SER D 151 -4.73 0.82 -14.62
C SER D 151 -3.60 1.51 -15.34
N THR D 152 -2.76 0.73 -16.01
CA THR D 152 -1.59 1.28 -16.73
C THR D 152 -1.72 1.59 -18.21
N ALA D 153 -2.95 1.69 -18.66
CA ALA D 153 -3.29 2.02 -20.02
C ALA D 153 -2.49 3.13 -20.64
N GLY D 154 -2.24 4.16 -19.87
CA GLY D 154 -1.44 5.32 -20.33
C GLY D 154 -0.09 4.98 -20.95
N THR D 155 0.49 3.87 -20.51
CA THR D 155 1.87 3.46 -20.93
C THR D 155 1.98 2.10 -21.53
N ALA D 156 0.84 1.55 -21.88
CA ALA D 156 0.75 0.33 -22.64
C ALA D 156 1.47 0.45 -23.97
N LEU D 157 1.83 -0.68 -24.52
CA LEU D 157 2.35 -0.69 -25.88
C LEU D 157 1.83 -1.84 -26.74
N THR D 158 1.69 -1.51 -28.01
CA THR D 158 1.07 -2.35 -29.01
C THR D 158 2.12 -2.79 -30.04
N ALA D 159 2.17 -4.08 -30.32
CA ALA D 159 2.96 -4.65 -31.43
C ALA D 159 2.08 -5.06 -32.60
N TRP D 160 2.44 -4.60 -33.79
CA TRP D 160 1.66 -4.81 -35.04
C TRP D 160 2.56 -5.48 -36.05
N VAL D 161 2.16 -6.69 -36.42
CA VAL D 161 3.02 -7.60 -37.14
C VAL D 161 2.37 -7.84 -38.47
N ALA D 162 3.13 -7.55 -39.52
CA ALA D 162 2.66 -7.82 -40.88
C ALA D 162 2.92 -9.29 -41.25
N LEU D 163 1.86 -9.93 -41.70
CA LEU D 163 1.89 -11.31 -42.18
C LEU D 163 1.94 -11.41 -43.69
N VAL D 164 1.72 -10.29 -44.32
CA VAL D 164 1.89 -10.11 -45.77
C VAL D 164 2.62 -8.79 -46.03
N ASP D 165 3.13 -8.61 -47.24
CA ASP D 165 3.63 -7.30 -47.67
C ASP D 165 2.51 -6.25 -47.57
N VAL D 166 2.84 -5.14 -46.95
CA VAL D 166 1.89 -4.03 -46.72
C VAL D 166 2.51 -2.71 -47.20
N PRO D 167 2.45 -2.48 -48.50
CA PRO D 167 2.82 -1.18 -48.95
C PRO D 167 1.72 -0.19 -48.68
N VAL D 168 2.04 1.06 -48.96
CA VAL D 168 1.15 2.17 -48.64
C VAL D 168 -0.30 1.92 -49.13
N GLU D 169 -0.40 1.58 -50.42
CA GLU D 169 -1.72 1.35 -51.08
C GLU D 169 -2.56 0.16 -50.53
N ARG D 170 -1.95 -0.67 -49.71
CA ARG D 170 -2.64 -1.80 -49.12
C ARG D 170 -3.10 -1.54 -47.68
N GLY D 171 -2.77 -0.37 -47.16
CA GLY D 171 -3.31 0.08 -45.87
C GLY D 171 -2.35 0.06 -44.70
N CYS D 172 -1.09 0.44 -44.93
CA CYS D 172 -0.11 0.52 -43.83
C CYS D 172 -0.44 1.66 -42.89
N MET D 173 0.23 1.66 -41.76
CA MET D 173 -0.08 2.66 -40.75
C MET D 173 0.63 3.98 -40.98
N THR D 174 0.11 5.02 -40.36
CA THR D 174 0.74 6.32 -40.34
C THR D 174 0.78 6.74 -38.86
N PHE D 175 1.92 7.23 -38.37
CA PHE D 175 2.02 7.67 -37.01
C PHE D 175 2.36 9.12 -36.97
N VAL D 176 1.98 9.75 -35.89
CA VAL D 176 2.45 11.10 -35.60
C VAL D 176 3.58 11.12 -34.53
N PRO D 177 4.82 11.24 -34.96
CA PRO D 177 5.92 11.20 -34.00
C PRO D 177 5.86 12.34 -33.02
N GLY D 178 6.10 12.01 -31.78
CA GLY D 178 6.04 12.99 -30.72
C GLY D 178 4.74 13.11 -29.98
N SER D 179 3.68 12.57 -30.58
CA SER D 179 2.28 12.84 -30.18
C SER D 179 1.97 12.22 -28.82
N HIS D 180 2.77 11.22 -28.46
CA HIS D 180 2.69 10.52 -27.16
C HIS D 180 3.18 11.34 -25.97
N LEU D 181 3.76 12.48 -26.28
CA LEU D 181 4.17 13.47 -25.30
C LEU D 181 3.21 14.60 -25.03
N LEU D 182 2.17 14.63 -25.82
CA LEU D 182 1.13 15.65 -25.68
C LEU D 182 0.24 15.29 -24.59
N PRO D 183 -0.41 16.29 -24.00
CA PRO D 183 -1.36 15.97 -22.95
C PRO D 183 -2.46 15.15 -23.54
N ASP D 184 -3.11 14.37 -22.72
CA ASP D 184 -4.21 13.57 -23.22
C ASP D 184 -5.32 14.46 -23.67
N PRO D 185 -6.21 13.93 -24.49
CA PRO D 185 -7.32 14.74 -24.93
C PRO D 185 -8.42 14.70 -23.92
N ASP D 186 -9.33 15.68 -24.07
CA ASP D 186 -10.54 15.84 -23.23
C ASP D 186 -11.34 14.54 -23.27
N THR D 187 -11.33 13.84 -22.12
CA THR D 187 -11.95 12.50 -22.04
C THR D 187 -13.44 12.84 -22.09
N GLY D 188 -13.97 12.76 -23.30
CA GLY D 188 -15.40 12.92 -23.59
C GLY D 188 -16.04 11.55 -23.66
N ASP D 189 -16.87 11.34 -24.68
CA ASP D 189 -17.77 10.14 -24.72
C ASP D 189 -17.07 8.83 -25.08
N GLU D 190 -15.89 8.93 -25.70
CA GLU D 190 -15.30 7.78 -26.32
C GLU D 190 -13.83 7.69 -26.04
N PRO D 191 -13.39 6.65 -25.33
CA PRO D 191 -11.99 6.55 -24.80
C PRO D 191 -10.83 6.59 -25.80
N TRP D 192 -11.15 6.25 -27.05
CA TRP D 192 -10.23 6.33 -28.26
C TRP D 192 -10.17 7.70 -28.96
N ALA D 193 -11.09 8.58 -28.62
CA ALA D 193 -11.27 9.86 -29.30
C ALA D 193 -10.19 10.87 -28.96
N GLY D 194 -10.17 11.96 -29.72
CA GLY D 194 -9.38 13.12 -29.38
C GLY D 194 -8.20 13.36 -30.30
N ALA D 195 -7.85 12.36 -31.10
CA ALA D 195 -6.82 12.56 -32.17
C ALA D 195 -7.06 13.90 -32.91
N PHE D 196 -5.99 14.66 -33.02
CA PHE D 196 -5.94 15.97 -33.69
C PHE D 196 -6.79 17.09 -33.09
N THR D 197 -7.03 17.00 -31.80
CA THR D 197 -7.77 18.03 -31.05
C THR D 197 -6.90 18.95 -30.18
N ARG D 198 -5.66 18.59 -29.97
CA ARG D 198 -4.83 19.42 -29.06
C ARG D 198 -4.24 20.62 -29.77
N PRO D 199 -3.96 21.71 -29.01
CA PRO D 199 -3.45 22.90 -29.72
C PRO D 199 -2.18 22.57 -30.54
N GLY D 200 -2.05 23.17 -31.72
CA GLY D 200 -0.91 22.88 -32.60
C GLY D 200 -0.74 21.45 -33.16
N GLU D 201 -1.67 20.55 -32.84
CA GLU D 201 -1.48 19.12 -33.17
C GLU D 201 -1.60 18.83 -34.67
N ILE D 202 -2.43 19.59 -35.34
CA ILE D 202 -2.61 19.39 -36.79
C ILE D 202 -1.43 19.84 -37.66
N TRP D 203 -0.51 20.55 -37.03
CA TRP D 203 0.71 21.04 -37.67
C TRP D 203 1.92 20.13 -37.50
N MET D 204 1.78 19.08 -36.72
CA MET D 204 2.81 18.10 -36.54
C MET D 204 2.95 17.20 -37.77
N PRO D 205 4.20 16.86 -38.13
CA PRO D 205 4.34 15.98 -39.27
C PRO D 205 3.90 14.59 -39.00
N ARG D 206 3.68 13.86 -40.08
CA ARG D 206 3.27 12.48 -39.97
C ARG D 206 4.06 11.54 -40.80
N VAL D 207 4.20 10.34 -40.29
CA VAL D 207 5.03 9.37 -40.92
C VAL D 207 4.28 8.13 -41.32
N THR D 208 4.34 7.82 -42.60
CA THR D 208 3.74 6.66 -43.17
C THR D 208 4.77 5.58 -43.32
N VAL D 209 4.41 4.40 -42.85
CA VAL D 209 5.38 3.33 -42.62
C VAL D 209 4.95 2.01 -43.28
N PRO D 210 5.31 1.84 -44.55
CA PRO D 210 5.08 0.56 -45.14
C PRO D 210 5.98 -0.52 -44.58
N LEU D 211 5.45 -1.74 -44.60
CA LEU D 211 6.10 -2.91 -44.01
C LEU D 211 6.13 -4.08 -44.92
N ARG D 212 7.21 -4.82 -44.79
CA ARG D 212 7.34 -6.11 -45.45
C ARG D 212 6.84 -7.19 -44.51
N ALA D 213 6.29 -8.24 -45.08
CA ALA D 213 5.94 -9.42 -44.31
C ALA D 213 7.05 -9.89 -43.34
N GLY D 214 6.61 -10.09 -42.11
CA GLY D 214 7.47 -10.45 -40.97
C GLY D 214 8.12 -9.28 -40.28
N ASP D 215 7.90 -8.08 -40.80
CA ASP D 215 8.28 -6.85 -40.12
C ASP D 215 7.23 -6.56 -39.08
N CYS D 216 7.62 -5.81 -38.05
CA CYS D 216 6.62 -5.30 -37.08
C CYS D 216 6.87 -3.83 -36.67
N THR D 217 5.82 -3.16 -36.18
CA THR D 217 5.96 -1.84 -35.51
C THR D 217 5.52 -1.94 -34.09
N PHE D 218 6.22 -1.24 -33.23
CA PHE D 218 5.74 -1.05 -31.90
C PHE D 218 5.30 0.38 -31.72
N HIS D 219 4.14 0.56 -31.10
CA HIS D 219 3.75 1.91 -30.72
C HIS D 219 3.13 2.08 -29.35
N HIS D 220 3.40 3.26 -28.81
CA HIS D 220 3.07 3.64 -27.47
C HIS D 220 1.56 3.96 -27.45
N ALA D 221 0.89 3.63 -26.35
CA ALA D 221 -0.59 3.77 -26.23
C ALA D 221 -1.11 5.17 -26.59
N ARG D 222 -0.42 6.17 -26.14
CA ARG D 222 -0.69 7.57 -26.47
C ARG D 222 -0.25 8.11 -27.81
N THR D 223 0.39 7.29 -28.61
CA THR D 223 0.82 7.75 -29.94
C THR D 223 -0.37 7.78 -30.88
N VAL D 224 -0.55 8.92 -31.53
CA VAL D 224 -1.66 9.08 -32.49
C VAL D 224 -1.26 8.36 -33.76
N HIS D 225 -2.16 7.55 -34.25
CA HIS D 225 -1.89 6.81 -35.47
C HIS D 225 -3.16 6.47 -36.22
N SER D 226 -2.99 6.11 -37.46
CA SER D 226 -4.05 5.94 -38.43
C SER D 226 -3.60 4.87 -39.41
N ALA D 227 -4.49 4.51 -40.33
CA ALA D 227 -4.10 3.66 -41.47
C ALA D 227 -4.90 3.99 -42.69
N GLY D 228 -4.31 3.70 -43.83
CA GLY D 228 -4.97 3.89 -45.11
C GLY D 228 -5.97 2.78 -45.39
N ALA D 229 -6.80 3.06 -46.39
CA ALA D 229 -7.69 2.03 -46.96
C ALA D 229 -6.85 1.06 -47.80
N ASN D 230 -7.32 -0.19 -47.90
CA ASN D 230 -6.71 -1.17 -48.78
C ASN D 230 -7.39 -0.92 -50.09
N SER D 231 -6.69 -0.27 -50.99
CA SER D 231 -7.18 -0.07 -52.36
C SER D 231 -6.54 -1.06 -53.33
N THR D 232 -6.19 -2.24 -52.86
CA THR D 232 -5.67 -3.33 -53.71
C THR D 232 -6.50 -4.61 -53.57
N ASP D 233 -6.51 -5.40 -54.62
CA ASP D 233 -7.24 -6.67 -54.61
C ASP D 233 -6.56 -7.80 -53.78
N GLU D 234 -5.45 -7.53 -53.11
CA GLU D 234 -4.87 -8.52 -52.15
C GLU D 234 -5.08 -8.08 -50.73
N PRO D 235 -5.61 -8.99 -49.90
CA PRO D 235 -6.01 -8.60 -48.56
C PRO D 235 -4.87 -8.24 -47.62
N ARG D 236 -5.16 -7.34 -46.69
CA ARG D 236 -4.20 -6.89 -45.68
C ARG D 236 -4.36 -7.69 -44.41
N LEU D 237 -3.34 -8.47 -44.10
CA LEU D 237 -3.38 -9.38 -42.96
C LEU D 237 -2.25 -9.12 -42.01
N SER D 238 -2.63 -8.94 -40.75
CA SER D 238 -1.73 -8.52 -39.68
C SER D 238 -2.23 -8.99 -38.32
N THR D 239 -1.35 -9.01 -37.33
CA THR D 239 -1.76 -9.16 -35.92
C THR D 239 -1.41 -7.94 -35.13
N SER D 240 -2.30 -7.56 -34.19
CA SER D 240 -2.08 -6.46 -33.25
C SER D 240 -2.13 -6.98 -31.84
N ALA D 241 -1.02 -6.90 -31.13
CA ALA D 241 -0.91 -7.42 -29.76
C ALA D 241 -0.70 -6.29 -28.77
N VAL D 242 -1.57 -6.19 -27.77
CA VAL D 242 -1.45 -5.15 -26.71
C VAL D 242 -0.76 -5.72 -25.49
N TYR D 243 0.45 -5.23 -25.21
CA TYR D 243 1.16 -5.56 -23.99
C TYR D 243 0.96 -4.51 -22.93
N MET D 244 1.04 -4.93 -21.68
CA MET D 244 0.71 -4.10 -20.51
C MET D 244 1.65 -4.36 -19.38
N ASP D 245 1.80 -3.38 -18.52
CA ASP D 245 2.65 -3.52 -17.33
C ASP D 245 2.24 -4.76 -16.53
N ALA D 246 3.23 -5.48 -16.05
CA ALA D 246 2.98 -6.78 -15.35
C ALA D 246 2.11 -6.70 -14.08
N THR D 247 2.07 -5.51 -13.46
CA THR D 247 1.28 -5.27 -12.24
C THR D 247 -0.05 -4.58 -12.49
N ALA D 248 -0.45 -4.51 -13.74
CA ALA D 248 -1.71 -3.89 -14.10
C ALA D 248 -2.93 -4.55 -13.51
N ALA D 249 -3.98 -3.74 -13.44
CA ALA D 249 -5.20 -4.12 -12.79
C ALA D 249 -6.38 -3.58 -13.56
N TYR D 250 -7.52 -4.21 -13.36
CA TYR D 250 -8.74 -3.91 -14.12
C TYR D 250 -9.24 -2.47 -13.87
N ARG D 251 -9.65 -1.82 -14.96
CA ARG D 251 -10.09 -0.42 -14.90
C ARG D 251 -11.14 -0.28 -15.97
N PRO D 252 -12.44 -0.45 -15.60
CA PRO D 252 -13.45 -0.33 -16.64
C PRO D 252 -13.40 1.04 -17.30
N THR D 253 -13.53 1.03 -18.62
CA THR D 253 -13.67 2.23 -19.48
C THR D 253 -15.09 2.81 -19.55
N GLY D 254 -16.08 2.00 -19.21
CA GLY D 254 -17.50 2.39 -19.35
C GLY D 254 -18.19 1.82 -20.59
N ILE D 255 -17.44 1.57 -21.64
CA ILE D 255 -17.94 1.00 -22.87
C ILE D 255 -18.00 -0.51 -22.67
N ALA D 256 -19.20 -1.07 -22.75
CA ALA D 256 -19.46 -2.50 -22.46
C ALA D 256 -18.63 -3.50 -23.29
N PHE D 257 -18.57 -3.28 -24.59
CA PHE D 257 -17.81 -4.22 -25.43
C PHE D 257 -16.27 -4.18 -25.20
N LEU D 258 -15.77 -3.07 -24.67
CA LEU D 258 -14.32 -2.96 -24.26
C LEU D 258 -14.04 -3.60 -22.91
N ASP D 259 -15.02 -3.50 -22.01
CA ASP D 259 -14.88 -3.91 -20.61
C ASP D 259 -15.11 -5.38 -20.40
N ASP D 260 -15.94 -5.98 -21.25
CA ASP D 260 -16.36 -7.40 -21.10
C ASP D 260 -15.28 -8.32 -21.69
N LEU D 261 -14.52 -8.94 -20.80
CA LEU D 261 -13.32 -9.71 -21.18
C LEU D 261 -13.58 -11.19 -21.15
N PRO D 262 -13.42 -11.87 -22.31
CA PRO D 262 -13.69 -13.31 -22.29
C PRO D 262 -12.59 -14.12 -21.57
N GLY D 263 -12.96 -15.30 -21.09
CA GLY D 263 -12.06 -16.23 -20.41
C GLY D 263 -11.53 -15.72 -19.10
N THR D 264 -12.37 -14.98 -18.38
CA THR D 264 -12.02 -14.45 -17.05
C THR D 264 -12.97 -14.96 -15.95
N GLY D 265 -13.82 -15.91 -16.31
CA GLY D 265 -14.90 -16.40 -15.41
C GLY D 265 -16.29 -15.85 -15.77
N ALA D 266 -17.32 -16.48 -15.22
CA ALA D 266 -18.74 -16.06 -15.44
C ALA D 266 -18.99 -14.61 -14.95
N ASP D 267 -18.60 -14.38 -13.70
CA ASP D 267 -18.77 -13.07 -13.02
C ASP D 267 -17.97 -11.85 -13.65
N PRO D 268 -18.55 -10.61 -13.63
CA PRO D 268 -17.83 -9.44 -14.13
C PRO D 268 -16.67 -9.18 -13.22
N LEU D 269 -15.63 -8.62 -13.77
CA LEU D 269 -14.45 -8.27 -12.97
C LEU D 269 -14.68 -6.99 -12.21
N ARG D 270 -14.25 -6.98 -10.96
CA ARG D 270 -14.35 -5.76 -10.19
C ARG D 270 -13.11 -4.87 -10.43
N GLU D 271 -13.34 -3.56 -10.34
CA GLU D 271 -12.28 -2.54 -10.49
C GLU D 271 -11.17 -2.82 -9.50
N GLY D 272 -9.94 -2.71 -9.98
CA GLY D 272 -8.74 -2.88 -9.17
C GLY D 272 -8.21 -4.31 -9.04
N ALA D 273 -8.96 -5.25 -9.58
CA ALA D 273 -8.58 -6.66 -9.58
C ALA D 273 -7.34 -6.84 -10.39
N PRO D 274 -6.40 -7.67 -9.93
CA PRO D 274 -5.24 -7.83 -10.79
C PRO D 274 -5.52 -8.72 -12.01
N LEU D 275 -4.81 -8.43 -13.09
CA LEU D 275 -4.86 -9.23 -14.32
C LEU D 275 -3.66 -10.15 -14.38
N THR D 276 -3.87 -11.42 -14.03
CA THR D 276 -2.74 -12.39 -13.90
C THR D 276 -3.08 -13.80 -14.34
N GLY D 277 -2.08 -14.68 -14.26
CA GLY D 277 -2.23 -16.09 -14.68
C GLY D 277 -2.09 -16.29 -16.17
N ASP D 278 -2.48 -17.47 -16.65
CA ASP D 278 -2.38 -17.82 -18.10
C ASP D 278 -3.26 -16.99 -19.00
N ARG D 279 -4.33 -16.45 -18.45
CA ARG D 279 -5.23 -15.56 -19.20
C ARG D 279 -4.52 -14.27 -19.65
N PHE D 280 -3.70 -13.71 -18.76
CA PHE D 280 -2.88 -12.50 -18.99
C PHE D 280 -1.42 -12.82 -18.70
N PRO D 281 -0.80 -13.65 -19.53
CA PRO D 281 0.49 -14.24 -19.22
C PRO D 281 1.65 -13.29 -19.22
N LEU D 282 2.55 -13.53 -18.29
CA LEU D 282 3.82 -12.83 -18.21
C LEU D 282 4.60 -13.04 -19.50
N LEU D 283 5.45 -12.11 -19.84
CA LEU D 283 6.22 -12.20 -21.10
C LEU D 283 7.55 -12.89 -20.93
N ARG D 284 8.18 -12.63 -19.80
CA ARG D 284 9.48 -13.21 -19.47
C ARG D 284 9.25 -14.30 -18.39
N ARG D 285 10.18 -15.24 -18.25
CA ARG D 285 10.01 -16.36 -17.34
C ARG D 285 10.99 -16.25 -16.16
#